data_8IDA
#
_entry.id   8IDA
#
_cell.length_a   1.00
_cell.length_b   1.00
_cell.length_c   1.00
_cell.angle_alpha   90.00
_cell.angle_beta   90.00
_cell.angle_gamma   90.00
#
_symmetry.space_group_name_H-M   'P 1'
#
loop_
_entity.id
_entity.type
_entity.pdbx_description
1 polymer '4F2 cell-surface antigen heavy chain'
2 polymer 'Large neutral amino acids transporter small subunit 1'
3 branched 2-acetamido-2-deoxy-beta-D-glucopyranose-(1-4)-2-acetamido-2-deoxy-beta-D-glucopyranose
4 non-polymer TYROSINE
#
loop_
_entity_poly.entity_id
_entity_poly.type
_entity_poly.pdbx_seq_one_letter_code
_entity_poly.pdbx_strand_id
1 'polypeptide(L)'
;MAHHHHHHHHHHSGRELQPPEASIAVVSIPRQLPGSHSEAGVQGLSAGDDSETGSDCVTQAGLQLLASSDPPALASKNAE
VTVETGFHHVSQADIEFLTSIDPTASASGSAGITGTMSQDTEVDMKEVELNELEPEKQPMNAASGAAMSLAGAEKNGLVK
IKVAEDEAEAAAAAKFTGLSKEELLKVAGSPGWVRTRWALLLLFWLGWLGMLAGAVVIIVRAPRCRELPAQKWWHTGALY
RIGDLQAFQGHGAGNLAGLKGRLDYLSSLKVKGLVLGPIHKNQKDDVAQTDLLQIDPNFGSKEDFDSLLQSAKKKSIRVI
LDLTPNYRGENSWFSTQVDTVATKVKDALEFWLQAGVDGFQVRDIENLKDASSFLAEWQNITKGFSEDRLLIAGTNSSDL
QQILSLLESNKDLLLTSSYLSDSGSTGEHTKSLVTQYLNATGNRWCSWSLSQARLLTSFLPAQLLRLYQLMLFTLPGTPV
FSYGDEIGLDAAALPGQPMEAPVMLWDESSFPDIPGAVSANMTVKGQSEDPGSLLSLFRRLSDQRSKERSLLHGDFHAFS
AGPGLFSYIRHWDQNERFLVVLNFGDVGLSAGLQASDLPASASLPAKADLLLSTQPGREEGSPLELERLKLEPHEGLLLR
FPYAALE
;
A
2 'polypeptide(L)'
;MADYKDDDDKSGPDEVDASGRAGAGPKRRALAAPAAEEKEEAREKMLAAKSADGSAPAGEGEGVTLQRNITLLNGVAIIV
GTIIGSGIFVTPTGVLKEAGSPGLALVVWAACGVFSIVGALCYAELGTTISKSGGDYAYMLEVYGSLPAFLKLWIELLII
RPSSQYIVALVFATYLLKPLFPTCPVPEEAAKLVACLCVLLLTAVNCYSVKAATRVQDAFAAAKLLALALIILLGFVQIG
KGDVSNLDPNFSFEGTKLDVGNIVLALYSGLFAYGGWNYLNFVTEEMINPYRNLPLAIIISLPIVTLVYVLTNLAYFTTL
STEQMLSSEAVAVDFGNYHLGVMSWIIPVFVGLSCFGSVNGSLFTSSRLFFVGSREGHLPSILSMIHPQLLTPVPSLVFT
CVMTLLYAFSKDIFSVINFFSFFNWLCVALAIIGMIWLRHRKPELERPIKVNLALPVFFILACLFLIAVSFWKTPVECGI
GFTIILSGLPVYFFGVWWKNKPKWLLQGIFSTTVLCQKLMQVVPQET
;
B
#
loop_
_chem_comp.id
_chem_comp.type
_chem_comp.name
_chem_comp.formula
NAG D-saccharide, beta linking 2-acetamido-2-deoxy-beta-D-glucopyranose 'C8 H15 N O6'
#
# COMPACT_ATOMS: atom_id res chain seq x y z
N PHE A 176 44.54 10.55 23.18
CA PHE A 176 45.74 10.05 23.85
C PHE A 176 46.57 9.17 22.92
N THR A 177 46.35 9.33 21.61
CA THR A 177 47.11 8.57 20.62
C THR A 177 47.24 9.45 19.38
N GLY A 178 48.39 10.08 19.23
CA GLY A 178 48.67 10.94 18.10
C GLY A 178 49.33 12.24 18.53
N LEU A 179 49.56 13.09 17.55
CA LEU A 179 50.21 14.37 17.80
C LEU A 179 49.24 15.35 18.46
N SER A 180 49.81 16.40 19.05
CA SER A 180 49.05 17.48 19.63
C SER A 180 48.98 18.66 18.65
N LYS A 181 48.43 19.77 19.12
CA LYS A 181 48.21 20.92 18.24
C LYS A 181 49.52 21.49 17.71
N GLU A 182 50.52 21.63 18.59
CA GLU A 182 51.76 22.29 18.18
C GLU A 182 52.55 21.44 17.20
N GLU A 183 52.71 20.14 17.50
CA GLU A 183 53.45 19.27 16.59
C GLU A 183 52.74 19.14 15.24
N LEU A 184 51.41 19.05 15.26
CA LEU A 184 50.66 19.00 14.01
C LEU A 184 50.84 20.28 13.21
N LEU A 185 50.81 21.43 13.89
CA LEU A 185 51.03 22.70 13.22
C LEU A 185 52.41 22.74 12.58
N LYS A 186 53.41 22.22 13.29
CA LYS A 186 54.78 22.19 12.77
C LYS A 186 54.91 21.29 11.54
N VAL A 187 54.38 20.08 11.61
CA VAL A 187 54.66 19.08 10.59
C VAL A 187 53.63 19.02 9.48
N ALA A 188 52.52 19.74 9.59
CA ALA A 188 51.45 19.65 8.62
C ALA A 188 51.25 20.92 7.81
N GLY A 189 52.04 21.96 8.04
CA GLY A 189 51.93 23.19 7.29
C GLY A 189 52.90 23.34 6.14
N SER A 190 53.83 22.42 5.97
CA SER A 190 54.81 22.51 4.90
C SER A 190 54.13 22.34 3.54
N PRO A 191 54.64 22.99 2.51
CA PRO A 191 54.16 22.72 1.14
C PRO A 191 54.36 21.26 0.78
N GLY A 192 53.40 20.70 0.06
CA GLY A 192 53.35 19.28 -0.20
C GLY A 192 52.37 18.53 0.67
N TRP A 193 52.00 19.11 1.81
CA TRP A 193 50.90 18.62 2.62
C TRP A 193 49.66 19.50 2.54
N VAL A 194 49.81 20.75 2.09
CA VAL A 194 48.66 21.60 1.83
C VAL A 194 48.16 21.47 0.39
N ARG A 195 49.02 21.06 -0.54
CA ARG A 195 48.59 20.82 -1.91
C ARG A 195 47.66 19.62 -1.99
N THR A 196 47.98 18.55 -1.25
CA THR A 196 47.17 17.34 -1.28
C THR A 196 45.74 17.56 -0.79
N ARG A 197 45.54 18.41 0.22
CA ARG A 197 44.20 18.66 0.71
C ARG A 197 43.33 19.32 -0.36
N TRP A 198 43.86 20.36 -1.03
CA TRP A 198 43.11 20.99 -2.11
C TRP A 198 42.90 20.03 -3.27
N ALA A 199 43.90 19.22 -3.59
CA ALA A 199 43.77 18.26 -4.68
C ALA A 199 42.65 17.25 -4.37
N LEU A 200 42.61 16.76 -3.13
CA LEU A 200 41.55 15.82 -2.75
C LEU A 200 40.19 16.49 -2.72
N LEU A 201 40.11 17.77 -2.32
CA LEU A 201 38.84 18.48 -2.38
C LEU A 201 38.34 18.60 -3.81
N LEU A 202 39.23 18.97 -4.74
CA LEU A 202 38.84 19.05 -6.15
C LEU A 202 38.44 17.68 -6.69
N LEU A 203 39.15 16.62 -6.30
CA LEU A 203 38.77 15.28 -6.73
C LEU A 203 37.39 14.90 -6.20
N PHE A 204 37.10 15.24 -4.95
CA PHE A 204 35.79 14.94 -4.38
C PHE A 204 34.68 15.67 -5.13
N TRP A 205 34.90 16.95 -5.43
CA TRP A 205 33.86 17.71 -6.14
C TRP A 205 33.69 17.21 -7.56
N LEU A 206 34.79 16.85 -8.23
CA LEU A 206 34.69 16.29 -9.58
C LEU A 206 33.96 14.95 -9.56
N GLY A 207 34.21 14.11 -8.55
CA GLY A 207 33.48 12.87 -8.44
C GLY A 207 31.99 13.10 -8.19
N TRP A 208 31.65 14.09 -7.37
CA TRP A 208 30.25 14.43 -7.15
C TRP A 208 29.59 14.88 -8.45
N LEU A 209 30.26 15.73 -9.22
CA LEU A 209 29.71 16.18 -10.49
C LEU A 209 29.55 15.02 -11.47
N GLY A 210 30.52 14.12 -11.52
CA GLY A 210 30.41 12.96 -12.39
C GLY A 210 29.26 12.06 -12.00
N MET A 211 29.06 11.85 -10.70
CA MET A 211 27.94 11.05 -10.24
C MET A 211 26.61 11.69 -10.61
N LEU A 212 26.52 13.02 -10.47
CA LEU A 212 25.30 13.71 -10.86
C LEU A 212 25.04 13.57 -12.35
N ALA A 213 26.09 13.70 -13.17
CA ALA A 213 25.94 13.54 -14.61
C ALA A 213 25.50 12.13 -14.97
N GLY A 214 26.08 11.12 -14.31
CA GLY A 214 25.66 9.75 -14.55
C GLY A 214 24.22 9.50 -14.18
N ALA A 215 23.78 10.04 -13.04
CA ALA A 215 22.38 9.90 -12.65
C ALA A 215 21.46 10.57 -13.67
N VAL A 216 21.85 11.75 -14.15
CA VAL A 216 21.02 12.47 -15.12
C VAL A 216 20.92 11.69 -16.43
N VAL A 217 22.04 11.17 -16.92
CA VAL A 217 22.01 10.45 -18.19
C VAL A 217 21.27 9.13 -18.04
N ILE A 218 21.33 8.50 -16.86
CA ILE A 218 20.54 7.29 -16.64
C ILE A 218 19.05 7.62 -16.65
N ILE A 219 18.66 8.72 -15.99
CA ILE A 219 17.24 9.10 -15.95
C ILE A 219 16.73 9.43 -17.34
N VAL A 220 17.50 10.20 -18.12
CA VAL A 220 17.06 10.60 -19.45
C VAL A 220 16.93 9.39 -20.36
N ARG A 221 17.91 8.49 -20.32
CA ARG A 221 17.92 7.32 -21.19
C ARG A 221 17.21 6.14 -20.53
N ALA A 222 15.94 6.37 -20.18
CA ALA A 222 15.11 5.36 -19.57
C ALA A 222 13.74 5.34 -20.23
N PRO A 223 13.11 4.17 -20.31
CA PRO A 223 11.76 4.10 -20.88
C PRO A 223 10.76 4.84 -20.01
N ARG A 224 9.77 5.44 -20.67
CA ARG A 224 8.76 6.21 -19.99
C ARG A 224 7.57 5.34 -19.60
N CYS A 225 6.76 5.85 -18.67
CA CYS A 225 5.53 5.18 -18.32
C CYS A 225 4.52 5.26 -19.46
N ARG A 226 3.47 4.46 -19.37
CA ARG A 226 2.39 4.45 -20.34
C ARG A 226 1.14 5.05 -19.70
N GLU A 227 0.49 5.95 -20.42
CA GLU A 227 -0.65 6.67 -19.87
C GLU A 227 -1.84 5.72 -19.63
N LEU A 228 -2.58 6.01 -18.57
CA LEU A 228 -3.73 5.18 -18.22
C LEU A 228 -4.86 5.38 -19.22
N PRO A 229 -5.70 4.37 -19.42
CA PRO A 229 -6.79 4.48 -20.39
C PRO A 229 -8.10 5.07 -19.87
N ALA A 230 -8.08 5.72 -18.70
CA ALA A 230 -9.25 6.38 -18.13
C ALA A 230 -10.39 5.39 -17.92
N GLN A 231 -10.14 4.44 -17.04
CA GLN A 231 -11.12 3.41 -16.72
C GLN A 231 -12.34 4.01 -16.04
N LYS A 232 -13.53 3.54 -16.41
CA LYS A 232 -14.77 3.96 -15.79
C LYS A 232 -15.03 3.08 -14.56
N TRP A 233 -16.22 3.21 -13.97
CA TRP A 233 -16.55 2.43 -12.79
C TRP A 233 -16.88 0.99 -13.12
N TRP A 234 -17.46 0.73 -14.29
CA TRP A 234 -17.80 -0.62 -14.70
C TRP A 234 -16.66 -1.34 -15.41
N HIS A 235 -15.51 -0.67 -15.57
CA HIS A 235 -14.31 -1.29 -16.12
C HIS A 235 -13.45 -1.94 -15.04
N THR A 236 -13.87 -1.90 -13.78
CA THR A 236 -13.03 -2.29 -12.66
C THR A 236 -13.29 -3.69 -12.14
N GLY A 237 -14.52 -4.19 -12.22
CA GLY A 237 -14.86 -5.48 -11.67
C GLY A 237 -16.03 -6.12 -12.40
N ALA A 238 -16.65 -7.09 -11.74
CA ALA A 238 -17.73 -7.88 -12.30
C ALA A 238 -19.09 -7.23 -12.07
N LEU A 239 -20.08 -7.73 -12.79
CA LEU A 239 -21.46 -7.29 -12.67
C LEU A 239 -22.31 -8.44 -12.15
N TYR A 240 -23.22 -8.13 -11.23
CA TYR A 240 -24.07 -9.12 -10.58
C TYR A 240 -25.52 -8.87 -10.99
N ARG A 241 -26.17 -9.89 -11.52
CA ARG A 241 -27.54 -9.77 -12.01
C ARG A 241 -28.49 -10.49 -11.07
N ILE A 242 -29.57 -9.81 -10.69
CA ILE A 242 -30.63 -10.39 -9.86
C ILE A 242 -31.89 -10.38 -10.72
N GLY A 243 -32.15 -11.50 -11.39
CA GLY A 243 -33.28 -11.59 -12.29
C GLY A 243 -34.61 -11.50 -11.59
N ASP A 244 -34.93 -12.49 -10.75
CA ASP A 244 -36.17 -12.50 -9.99
C ASP A 244 -35.87 -12.06 -8.57
N LEU A 245 -36.49 -10.95 -8.16
CA LEU A 245 -36.19 -10.37 -6.86
C LEU A 245 -36.85 -11.15 -5.72
N GLN A 246 -37.98 -11.80 -5.99
CA GLN A 246 -38.69 -12.54 -4.95
C GLN A 246 -37.87 -13.74 -4.46
N ALA A 247 -37.20 -14.44 -5.37
CA ALA A 247 -36.54 -15.69 -5.01
C ALA A 247 -35.12 -15.49 -4.49
N PHE A 248 -34.56 -14.28 -4.57
CA PHE A 248 -33.19 -14.08 -4.10
C PHE A 248 -33.13 -14.16 -2.58
N GLN A 249 -34.12 -13.61 -1.88
CA GLN A 249 -34.16 -13.67 -0.42
C GLN A 249 -34.75 -14.97 0.11
N GLY A 250 -34.88 -15.99 -0.72
CA GLY A 250 -35.50 -17.22 -0.29
C GLY A 250 -37.00 -17.07 -0.13
N HIS A 251 -37.60 -18.06 0.54
CA HIS A 251 -39.03 -18.01 0.79
C HIS A 251 -39.34 -16.97 1.86
N GLY A 252 -40.23 -16.04 1.54
CA GLY A 252 -40.60 -14.97 2.42
C GLY A 252 -40.94 -13.73 1.64
N ALA A 253 -40.90 -12.59 2.33
CA ALA A 253 -41.22 -11.32 1.69
C ALA A 253 -40.13 -10.90 0.72
N GLY A 254 -40.56 -10.36 -0.42
CA GLY A 254 -39.63 -9.88 -1.43
C GLY A 254 -39.60 -8.37 -1.52
N ASN A 255 -39.76 -7.71 -0.37
CA ASN A 255 -39.77 -6.26 -0.31
C ASN A 255 -38.42 -5.70 -0.76
N LEU A 256 -38.46 -4.54 -1.41
CA LEU A 256 -37.27 -3.96 -2.01
C LEU A 256 -36.21 -3.58 -0.98
N ALA A 257 -36.62 -3.31 0.26
CA ALA A 257 -35.67 -2.95 1.32
C ALA A 257 -34.88 -4.13 1.84
N GLY A 258 -35.35 -5.37 1.61
CA GLY A 258 -34.65 -6.53 2.13
C GLY A 258 -33.23 -6.64 1.62
N LEU A 259 -32.96 -6.10 0.42
CA LEU A 259 -31.61 -6.09 -0.13
C LEU A 259 -30.60 -5.42 0.79
N LYS A 260 -31.04 -4.47 1.62
CA LYS A 260 -30.15 -3.83 2.58
C LYS A 260 -29.53 -4.83 3.54
N GLY A 261 -30.19 -5.96 3.77
CA GLY A 261 -29.63 -7.02 4.60
C GLY A 261 -28.67 -7.91 3.85
N ARG A 262 -28.84 -8.01 2.53
CA ARG A 262 -27.97 -8.84 1.70
C ARG A 262 -26.87 -8.05 1.01
N LEU A 263 -26.97 -6.72 0.99
CA LEU A 263 -26.01 -5.91 0.23
C LEU A 263 -24.59 -6.09 0.76
N ASP A 264 -24.44 -6.23 2.07
CA ASP A 264 -23.12 -6.49 2.63
C ASP A 264 -22.44 -7.62 1.86
N TYR A 265 -23.20 -8.65 1.51
CA TYR A 265 -22.64 -9.79 0.80
C TYR A 265 -22.06 -9.41 -0.55
N LEU A 266 -22.69 -8.46 -1.23
CA LEU A 266 -22.19 -8.03 -2.53
C LEU A 266 -20.77 -7.50 -2.37
N SER A 267 -20.54 -6.72 -1.33
CA SER A 267 -19.21 -6.20 -1.07
C SER A 267 -18.25 -7.35 -0.83
N SER A 268 -18.69 -8.36 -0.10
CA SER A 268 -17.84 -9.52 0.12
C SER A 268 -17.40 -10.07 -1.22
N LEU A 269 -18.35 -10.38 -2.09
CA LEU A 269 -18.03 -10.84 -3.42
C LEU A 269 -17.25 -9.81 -4.24
N LYS A 270 -17.18 -8.57 -3.75
CA LYS A 270 -16.46 -7.48 -4.42
C LYS A 270 -16.99 -7.25 -5.84
N VAL A 271 -18.30 -7.26 -5.99
CA VAL A 271 -18.93 -6.89 -7.25
C VAL A 271 -19.09 -5.39 -7.32
N LYS A 272 -18.83 -4.82 -8.49
CA LYS A 272 -18.88 -3.38 -8.69
C LYS A 272 -20.22 -2.91 -9.27
N GLY A 273 -21.17 -3.81 -9.46
CA GLY A 273 -22.46 -3.44 -10.02
C GLY A 273 -23.56 -4.35 -9.51
N LEU A 274 -24.79 -3.98 -9.86
CA LEU A 274 -25.96 -4.74 -9.43
C LEU A 274 -27.10 -4.42 -10.38
N VAL A 275 -27.54 -5.40 -11.15
CA VAL A 275 -28.60 -5.23 -12.14
C VAL A 275 -29.89 -5.74 -11.52
N LEU A 276 -30.69 -4.84 -10.96
CA LEU A 276 -31.98 -5.22 -10.41
C LEU A 276 -32.97 -5.51 -11.53
N GLY A 277 -33.88 -6.44 -11.26
CA GLY A 277 -34.89 -6.83 -12.22
C GLY A 277 -35.93 -5.75 -12.41
N PRO A 278 -36.82 -5.94 -13.39
CA PRO A 278 -37.87 -4.94 -13.63
C PRO A 278 -38.80 -4.84 -12.44
N ILE A 279 -39.01 -3.61 -11.97
CA ILE A 279 -39.83 -3.35 -10.79
C ILE A 279 -40.96 -2.37 -11.10
N HIS A 280 -41.38 -2.27 -12.35
CA HIS A 280 -42.43 -1.35 -12.73
C HIS A 280 -43.76 -2.07 -12.88
N LYS A 281 -44.82 -1.28 -13.01
CA LYS A 281 -46.15 -1.85 -13.21
C LYS A 281 -46.24 -2.61 -14.52
N ASN A 282 -46.84 -3.79 -14.48
CA ASN A 282 -47.00 -4.60 -15.68
C ASN A 282 -48.18 -5.55 -15.45
N GLN A 283 -49.30 -5.27 -16.11
CA GLN A 283 -50.47 -6.14 -15.99
C GLN A 283 -50.37 -7.33 -16.94
N LYS A 284 -50.36 -7.06 -18.23
CA LYS A 284 -50.34 -8.10 -19.25
C LYS A 284 -49.84 -7.46 -20.55
N ASP A 285 -50.05 -8.14 -21.68
CA ASP A 285 -49.62 -7.64 -22.98
C ASP A 285 -50.33 -6.37 -23.40
N ASP A 286 -51.24 -5.86 -22.56
CA ASP A 286 -51.92 -4.60 -22.86
C ASP A 286 -50.98 -3.43 -22.59
N VAL A 287 -50.53 -2.77 -23.66
CA VAL A 287 -49.57 -1.69 -23.52
C VAL A 287 -50.19 -0.47 -22.84
N ALA A 288 -51.50 -0.25 -23.03
CA ALA A 288 -52.14 0.97 -22.53
C ALA A 288 -52.16 1.06 -21.01
N GLN A 289 -52.08 -0.07 -20.31
CA GLN A 289 -52.16 -0.08 -18.85
C GLN A 289 -50.79 -0.29 -18.21
N THR A 290 -49.74 -0.47 -19.00
CA THR A 290 -48.40 -0.72 -18.50
C THR A 290 -47.56 0.54 -18.65
N ASP A 291 -47.02 1.03 -17.53
CA ASP A 291 -46.17 2.20 -17.53
C ASP A 291 -44.86 1.89 -16.79
N LEU A 292 -43.77 2.39 -17.33
CA LEU A 292 -42.44 2.20 -16.75
C LEU A 292 -42.11 3.27 -15.72
N LEU A 293 -43.09 4.08 -15.32
CA LEU A 293 -42.87 5.19 -14.41
C LEU A 293 -43.11 4.83 -12.95
N GLN A 294 -44.09 3.97 -12.66
CA GLN A 294 -44.49 3.68 -11.30
C GLN A 294 -43.96 2.32 -10.87
N ILE A 295 -43.38 2.26 -9.67
CA ILE A 295 -42.89 1.01 -9.11
C ILE A 295 -44.07 0.16 -8.70
N ASP A 296 -44.00 -1.14 -9.01
CA ASP A 296 -45.07 -2.07 -8.67
C ASP A 296 -45.23 -2.14 -7.15
N PRO A 297 -46.46 -2.05 -6.63
CA PRO A 297 -46.63 -1.98 -5.16
C PRO A 297 -46.15 -3.21 -4.42
N ASN A 298 -46.09 -4.38 -5.08
CA ASN A 298 -45.64 -5.58 -4.40
C ASN A 298 -44.18 -5.44 -3.96
N PHE A 299 -43.33 -4.86 -4.82
CA PHE A 299 -41.92 -4.73 -4.50
C PHE A 299 -41.66 -3.68 -3.44
N GLY A 300 -42.41 -2.59 -3.43
CA GLY A 300 -42.20 -1.54 -2.46
C GLY A 300 -42.71 -0.20 -2.98
N SER A 301 -42.04 0.86 -2.56
CA SER A 301 -42.42 2.23 -2.92
C SER A 301 -41.18 2.98 -3.39
N LYS A 302 -41.41 4.19 -3.92
CA LYS A 302 -40.32 4.99 -4.46
C LYS A 302 -39.33 5.40 -3.37
N GLU A 303 -39.85 5.74 -2.18
CA GLU A 303 -38.97 6.13 -1.08
C GLU A 303 -38.05 4.98 -0.68
N ASP A 304 -38.57 3.75 -0.68
CA ASP A 304 -37.74 2.60 -0.37
C ASP A 304 -36.64 2.41 -1.41
N PHE A 305 -36.98 2.62 -2.69
CA PHE A 305 -35.97 2.52 -3.73
C PHE A 305 -34.90 3.60 -3.56
N ASP A 306 -35.30 4.81 -3.22
CA ASP A 306 -34.33 5.87 -2.99
C ASP A 306 -33.41 5.55 -1.81
N SER A 307 -33.98 5.00 -0.74
CA SER A 307 -33.17 4.58 0.39
C SER A 307 -32.18 3.49 -0.01
N LEU A 308 -32.63 2.52 -0.80
CA LEU A 308 -31.73 1.47 -1.28
C LEU A 308 -30.61 2.05 -2.12
N LEU A 309 -30.93 2.97 -3.03
CA LEU A 309 -29.90 3.57 -3.87
C LEU A 309 -28.89 4.35 -3.04
N GLN A 310 -29.36 5.11 -2.05
CA GLN A 310 -28.44 5.86 -1.20
C GLN A 310 -27.55 4.93 -0.39
N SER A 311 -28.12 3.85 0.16
CA SER A 311 -27.32 2.90 0.92
C SER A 311 -26.28 2.21 0.04
N ALA A 312 -26.67 1.84 -1.19
CA ALA A 312 -25.72 1.22 -2.11
C ALA A 312 -24.61 2.19 -2.49
N LYS A 313 -24.95 3.45 -2.74
CA LYS A 313 -23.94 4.44 -3.06
C LYS A 313 -22.98 4.66 -1.90
N LYS A 314 -23.50 4.65 -0.67
CA LYS A 314 -22.63 4.74 0.50
C LYS A 314 -21.74 3.52 0.64
N LYS A 315 -22.09 2.40 0.02
CA LYS A 315 -21.31 1.18 0.08
C LYS A 315 -20.41 1.00 -1.14
N SER A 316 -20.30 2.03 -1.99
CA SER A 316 -19.48 1.98 -3.20
C SER A 316 -19.91 0.85 -4.14
N ILE A 317 -21.22 0.65 -4.24
CA ILE A 317 -21.80 -0.34 -5.15
C ILE A 317 -22.85 0.36 -5.99
N ARG A 318 -22.73 0.26 -7.32
CA ARG A 318 -23.63 0.92 -8.23
C ARG A 318 -24.83 0.04 -8.53
N VAL A 319 -25.91 0.67 -8.98
CA VAL A 319 -27.17 -0.01 -9.25
C VAL A 319 -27.58 0.28 -10.68
N ILE A 320 -27.92 -0.78 -11.43
CA ILE A 320 -28.43 -0.68 -12.79
C ILE A 320 -29.86 -1.18 -12.78
N LEU A 321 -30.77 -0.41 -13.36
CA LEU A 321 -32.18 -0.73 -13.36
C LEU A 321 -32.59 -1.28 -14.72
N ASP A 322 -33.24 -2.45 -14.71
CA ASP A 322 -33.76 -3.03 -15.93
C ASP A 322 -35.09 -2.39 -16.29
N LEU A 323 -35.22 -2.00 -17.56
CA LEU A 323 -36.39 -1.27 -18.05
C LEU A 323 -37.10 -2.03 -19.15
N THR A 324 -37.19 -3.35 -19.01
CA THR A 324 -37.92 -4.16 -19.97
C THR A 324 -39.41 -4.04 -19.71
N PRO A 325 -40.20 -3.52 -20.65
CA PRO A 325 -41.63 -3.25 -20.37
C PRO A 325 -42.43 -4.48 -19.99
N ASN A 326 -42.47 -5.48 -20.87
CA ASN A 326 -43.31 -6.67 -20.68
C ASN A 326 -42.41 -7.82 -20.24
N TYR A 327 -42.15 -7.89 -18.93
CA TYR A 327 -41.38 -9.00 -18.38
C TYR A 327 -42.27 -10.12 -17.85
N ARG A 328 -43.46 -9.79 -17.38
CA ARG A 328 -44.41 -10.82 -16.96
C ARG A 328 -44.88 -11.65 -18.14
N GLY A 329 -45.13 -11.00 -19.29
CA GLY A 329 -45.56 -11.72 -20.47
C GLY A 329 -44.43 -12.48 -21.13
N GLU A 330 -44.81 -13.38 -22.04
CA GLU A 330 -43.83 -14.19 -22.74
C GLU A 330 -42.95 -13.32 -23.63
N ASN A 331 -43.54 -12.31 -24.27
CA ASN A 331 -42.78 -11.43 -25.15
C ASN A 331 -42.27 -10.22 -24.37
N SER A 332 -41.01 -9.87 -24.62
CA SER A 332 -40.41 -8.72 -23.95
C SER A 332 -41.18 -7.43 -24.23
N TRP A 333 -41.73 -7.30 -25.43
CA TRP A 333 -42.58 -6.18 -25.80
C TRP A 333 -44.03 -6.68 -25.87
N PHE A 334 -44.93 -5.77 -26.22
CA PHE A 334 -46.35 -6.09 -26.29
C PHE A 334 -46.81 -6.46 -27.69
N SER A 335 -45.88 -6.59 -28.63
CA SER A 335 -46.17 -6.93 -30.03
C SER A 335 -47.04 -5.86 -30.67
N THR A 336 -47.17 -4.71 -30.03
CA THR A 336 -47.90 -3.59 -30.59
C THR A 336 -46.97 -2.71 -31.43
N GLN A 337 -47.47 -1.54 -31.81
CA GLN A 337 -46.65 -0.61 -32.57
C GLN A 337 -45.52 -0.07 -31.71
N VAL A 338 -44.31 -0.03 -32.28
CA VAL A 338 -43.11 0.16 -31.49
C VAL A 338 -43.02 1.57 -30.92
N ASP A 339 -43.41 2.57 -31.71
CA ASP A 339 -43.07 3.95 -31.38
C ASP A 339 -43.62 4.39 -30.03
N THR A 340 -44.83 3.94 -29.68
CA THR A 340 -45.41 4.30 -28.39
C THR A 340 -44.57 3.76 -27.24
N VAL A 341 -44.17 2.49 -27.33
CA VAL A 341 -43.34 1.88 -26.28
C VAL A 341 -41.98 2.57 -26.22
N ALA A 342 -41.42 2.91 -27.38
CA ALA A 342 -40.13 3.59 -27.40
C ALA A 342 -40.21 4.96 -26.74
N THR A 343 -41.27 5.71 -27.04
CA THR A 343 -41.45 7.02 -26.40
C THR A 343 -41.64 6.87 -24.90
N LYS A 344 -42.42 5.88 -24.48
CA LYS A 344 -42.64 5.67 -23.05
C LYS A 344 -41.34 5.33 -22.33
N VAL A 345 -40.54 4.43 -22.91
CA VAL A 345 -39.30 4.05 -22.24
C VAL A 345 -38.30 5.20 -22.25
N LYS A 346 -38.24 5.96 -23.33
CA LYS A 346 -37.31 7.09 -23.37
C LYS A 346 -37.74 8.18 -22.40
N ASP A 347 -39.03 8.31 -22.13
CA ASP A 347 -39.47 9.17 -21.03
C ASP A 347 -39.05 8.59 -19.68
N ALA A 348 -39.09 7.26 -19.55
CA ALA A 348 -38.71 6.63 -18.30
C ALA A 348 -37.23 6.81 -17.98
N LEU A 349 -36.35 6.77 -18.98
CA LEU A 349 -34.92 6.94 -18.72
C LEU A 349 -34.64 8.28 -18.06
N GLU A 350 -35.27 9.35 -18.52
CA GLU A 350 -35.01 10.67 -17.93
C GLU A 350 -35.39 10.71 -16.46
N PHE A 351 -36.59 10.22 -16.12
CA PHE A 351 -37.03 10.24 -14.74
C PHE A 351 -36.15 9.36 -13.86
N TRP A 352 -35.79 8.17 -14.34
CA TRP A 352 -34.98 7.28 -13.51
C TRP A 352 -33.55 7.79 -13.36
N LEU A 353 -33.03 8.49 -14.38
CA LEU A 353 -31.72 9.12 -14.24
C LEU A 353 -31.77 10.26 -13.23
N GLN A 354 -32.85 11.05 -13.24
CA GLN A 354 -33.01 12.07 -12.23
C GLN A 354 -33.17 11.46 -10.84
N ALA A 355 -33.71 10.24 -10.77
CA ALA A 355 -33.83 9.56 -9.48
C ALA A 355 -32.46 9.25 -8.90
N GLY A 356 -31.52 8.83 -9.74
CA GLY A 356 -30.16 8.59 -9.29
C GLY A 356 -29.58 7.23 -9.62
N VAL A 357 -30.20 6.52 -10.56
CA VAL A 357 -29.64 5.23 -10.97
C VAL A 357 -28.36 5.44 -11.78
N ASP A 358 -27.51 4.41 -11.79
CA ASP A 358 -26.21 4.50 -12.41
C ASP A 358 -26.13 3.77 -13.74
N GLY A 359 -27.25 3.28 -14.27
CA GLY A 359 -27.23 2.59 -15.54
C GLY A 359 -28.57 1.97 -15.84
N PHE A 360 -28.68 1.50 -17.08
CA PHE A 360 -29.91 0.88 -17.58
C PHE A 360 -29.58 -0.44 -18.27
N GLN A 361 -30.59 -1.27 -18.41
CA GLN A 361 -30.48 -2.52 -19.16
C GLN A 361 -31.77 -2.79 -19.90
N VAL A 362 -31.64 -3.25 -21.15
CA VAL A 362 -32.77 -3.69 -21.95
C VAL A 362 -32.46 -5.08 -22.50
N ARG A 363 -33.43 -5.98 -22.40
CA ARG A 363 -33.23 -7.36 -22.79
C ARG A 363 -34.15 -7.73 -23.95
N ASP A 364 -33.77 -8.79 -24.65
CA ASP A 364 -34.56 -9.35 -25.76
C ASP A 364 -34.85 -8.30 -26.82
N ILE A 365 -33.79 -7.68 -27.35
CA ILE A 365 -33.95 -6.68 -28.40
C ILE A 365 -34.14 -7.28 -29.78
N GLU A 366 -33.94 -8.58 -29.93
CA GLU A 366 -34.21 -9.23 -31.22
C GLU A 366 -35.70 -9.22 -31.56
N ASN A 367 -36.56 -9.04 -30.56
CA ASN A 367 -37.99 -8.91 -30.78
C ASN A 367 -38.41 -7.46 -31.03
N LEU A 368 -37.45 -6.56 -31.12
CA LEU A 368 -37.70 -5.14 -31.38
C LEU A 368 -37.18 -4.83 -32.77
N LYS A 369 -38.09 -4.50 -33.69
CA LYS A 369 -37.69 -4.20 -35.05
C LYS A 369 -36.99 -2.86 -35.13
N ASP A 370 -35.98 -2.77 -36.00
CA ASP A 370 -35.14 -1.57 -36.13
C ASP A 370 -34.55 -1.17 -34.80
N ALA A 371 -34.08 -2.16 -34.04
CA ALA A 371 -33.58 -1.92 -32.70
C ALA A 371 -32.27 -1.14 -32.69
N SER A 372 -31.53 -1.11 -33.81
CA SER A 372 -30.25 -0.42 -33.83
C SER A 372 -30.42 1.08 -33.62
N SER A 373 -31.36 1.70 -34.33
CA SER A 373 -31.58 3.13 -34.19
C SER A 373 -32.08 3.48 -32.78
N PHE A 374 -33.00 2.69 -32.25
CA PHE A 374 -33.51 2.95 -30.90
C PHE A 374 -32.39 2.80 -29.88
N LEU A 375 -31.55 1.78 -30.02
CA LEU A 375 -30.43 1.61 -29.10
C LEU A 375 -29.46 2.77 -29.18
N ALA A 376 -29.15 3.24 -30.39
CA ALA A 376 -28.26 4.38 -30.54
C ALA A 376 -28.85 5.63 -29.90
N GLU A 377 -30.14 5.86 -30.10
CA GLU A 377 -30.79 7.04 -29.52
C GLU A 377 -30.84 6.96 -28.01
N TRP A 378 -31.11 5.77 -27.46
CA TRP A 378 -31.12 5.60 -26.00
C TRP A 378 -29.72 5.78 -25.42
N GLN A 379 -28.70 5.28 -26.12
CA GLN A 379 -27.33 5.51 -25.68
C GLN A 379 -26.99 6.99 -25.69
N ASN A 380 -27.45 7.71 -26.71
CA ASN A 380 -27.20 9.14 -26.78
C ASN A 380 -27.88 9.88 -25.63
N ILE A 381 -29.13 9.51 -25.32
CA ILE A 381 -29.85 10.22 -24.26
C ILE A 381 -29.31 9.82 -22.89
N THR A 382 -28.75 8.62 -22.77
CA THR A 382 -28.14 8.21 -21.50
C THR A 382 -26.80 8.92 -21.29
N LYS A 383 -25.99 9.04 -22.34
CA LYS A 383 -24.74 9.78 -22.24
C LYS A 383 -24.96 11.28 -22.13
N GLY A 384 -26.14 11.77 -22.50
CA GLY A 384 -26.44 13.19 -22.39
C GLY A 384 -26.53 13.69 -20.96
N PHE A 385 -26.67 12.79 -19.99
CA PHE A 385 -26.70 13.18 -18.58
C PHE A 385 -25.30 13.22 -17.99
N SER A 386 -24.51 12.18 -18.20
CA SER A 386 -23.15 12.10 -17.68
C SER A 386 -22.39 11.06 -18.47
N GLU A 387 -21.07 11.05 -18.28
CA GLU A 387 -20.20 10.08 -18.93
C GLU A 387 -20.01 8.82 -18.11
N ASP A 388 -20.60 8.73 -16.92
CA ASP A 388 -20.53 7.55 -16.07
C ASP A 388 -21.86 6.83 -16.04
N ARG A 389 -22.58 6.83 -17.15
CA ARG A 389 -23.88 6.18 -17.27
C ARG A 389 -23.78 5.03 -18.26
N LEU A 390 -24.31 3.88 -17.88
CA LEU A 390 -24.14 2.64 -18.64
C LEU A 390 -25.47 2.18 -19.22
N LEU A 391 -25.41 1.64 -20.44
CA LEU A 391 -26.55 1.01 -21.08
C LEU A 391 -26.15 -0.38 -21.53
N ILE A 392 -26.98 -1.38 -21.20
CA ILE A 392 -26.69 -2.77 -21.50
C ILE A 392 -27.83 -3.34 -22.32
N ALA A 393 -27.49 -4.03 -23.41
CA ALA A 393 -28.45 -4.67 -24.28
C ALA A 393 -28.24 -6.19 -24.26
N GLY A 394 -29.32 -6.93 -24.41
CA GLY A 394 -29.28 -8.38 -24.35
C GLY A 394 -29.98 -9.01 -25.54
N THR A 395 -29.35 -10.06 -26.10
CA THR A 395 -29.93 -10.81 -27.20
C THR A 395 -29.94 -12.29 -26.88
N ASN A 396 -30.34 -13.11 -27.85
CA ASN A 396 -30.24 -14.57 -27.74
C ASN A 396 -29.56 -15.18 -28.95
N SER A 397 -29.01 -14.39 -29.85
CA SER A 397 -28.43 -14.86 -31.09
C SER A 397 -26.94 -15.14 -30.89
N SER A 398 -26.50 -16.32 -31.33
CA SER A 398 -25.10 -16.70 -31.26
C SER A 398 -24.35 -16.41 -32.55
N ASP A 399 -25.00 -15.80 -33.54
CA ASP A 399 -24.35 -15.51 -34.81
C ASP A 399 -23.44 -14.29 -34.66
N LEU A 400 -22.19 -14.42 -35.10
CA LEU A 400 -21.24 -13.32 -34.96
C LEU A 400 -21.64 -12.12 -35.80
N GLN A 401 -22.12 -12.36 -37.03
CA GLN A 401 -22.52 -11.26 -37.89
C GLN A 401 -23.70 -10.49 -37.32
N GLN A 402 -24.68 -11.21 -36.74
CA GLN A 402 -25.82 -10.55 -36.14
C GLN A 402 -25.40 -9.71 -34.95
N ILE A 403 -24.46 -10.21 -34.14
CA ILE A 403 -23.95 -9.43 -33.01
C ILE A 403 -23.22 -8.18 -33.52
N LEU A 404 -22.41 -8.34 -34.56
CA LEU A 404 -21.63 -7.21 -35.07
C LEU A 404 -22.52 -6.14 -35.69
N SER A 405 -23.62 -6.55 -36.33
CA SER A 405 -24.52 -5.57 -36.95
C SER A 405 -25.13 -4.64 -35.92
N LEU A 406 -25.31 -5.12 -34.68
CA LEU A 406 -25.85 -4.25 -33.64
C LEU A 406 -24.86 -3.19 -33.20
N LEU A 407 -23.56 -3.48 -33.29
CA LEU A 407 -22.52 -2.57 -32.86
C LEU A 407 -21.91 -1.76 -34.00
N GLU A 408 -22.52 -1.79 -35.19
CA GLU A 408 -22.01 -1.01 -36.30
C GLU A 408 -22.13 0.49 -36.02
N SER A 409 -23.25 0.91 -35.43
CA SER A 409 -23.47 2.31 -35.11
C SER A 409 -23.20 2.65 -33.65
N ASN A 410 -22.93 1.65 -32.81
CA ASN A 410 -22.65 1.86 -31.40
C ASN A 410 -21.26 1.35 -31.06
N LYS A 411 -20.47 2.20 -30.40
CA LYS A 411 -19.11 1.83 -30.00
C LYS A 411 -18.97 1.52 -28.52
N ASP A 412 -19.73 2.17 -27.65
CA ASP A 412 -19.59 2.03 -26.21
C ASP A 412 -20.82 1.36 -25.60
N LEU A 413 -21.35 0.34 -26.28
CA LEU A 413 -22.49 -0.41 -25.80
C LEU A 413 -22.06 -1.81 -25.39
N LEU A 414 -22.44 -2.23 -24.19
CA LEU A 414 -22.16 -3.58 -23.71
C LEU A 414 -23.31 -4.49 -24.13
N LEU A 415 -23.01 -5.44 -25.01
CA LEU A 415 -24.01 -6.36 -25.54
C LEU A 415 -23.74 -7.75 -24.94
N THR A 416 -24.58 -8.15 -23.99
CA THR A 416 -24.53 -9.49 -23.43
C THR A 416 -25.36 -10.43 -24.29
N SER A 417 -24.77 -11.55 -24.69
CA SER A 417 -25.43 -12.45 -25.62
C SER A 417 -24.98 -13.88 -25.34
N SER A 418 -25.68 -14.83 -25.95
CA SER A 418 -25.36 -16.24 -25.84
C SER A 418 -24.34 -16.70 -26.87
N TYR A 419 -23.51 -15.78 -27.37
CA TYR A 419 -22.52 -16.13 -28.38
C TYR A 419 -21.49 -17.11 -27.84
N LEU A 420 -21.02 -16.91 -26.61
CA LEU A 420 -19.98 -17.77 -26.06
C LEU A 420 -20.50 -19.18 -25.77
N SER A 421 -21.70 -19.27 -25.19
CA SER A 421 -22.28 -20.56 -24.80
C SER A 421 -23.01 -21.14 -26.00
N ASP A 422 -22.27 -21.82 -26.87
CA ASP A 422 -22.83 -22.48 -28.04
C ASP A 422 -22.24 -23.89 -28.12
N SER A 423 -22.24 -24.59 -26.98
CA SER A 423 -21.70 -25.95 -26.87
C SER A 423 -20.23 -25.99 -27.29
N GLY A 424 -19.48 -24.95 -26.91
CA GLY A 424 -18.06 -24.91 -27.19
C GLY A 424 -17.24 -25.57 -26.09
N SER A 425 -17.56 -26.83 -25.80
CA SER A 425 -16.89 -27.53 -24.71
C SER A 425 -15.40 -27.71 -24.99
N THR A 426 -15.06 -28.08 -26.24
CA THR A 426 -13.67 -28.31 -26.60
C THR A 426 -12.87 -27.01 -26.58
N GLY A 427 -11.59 -27.11 -26.22
CA GLY A 427 -10.79 -25.90 -26.04
C GLY A 427 -10.52 -25.16 -27.33
N GLU A 428 -10.28 -25.89 -28.42
CA GLU A 428 -9.92 -25.25 -29.68
C GLU A 428 -11.06 -24.38 -30.21
N HIS A 429 -12.30 -24.89 -30.12
CA HIS A 429 -13.44 -24.10 -30.59
C HIS A 429 -13.63 -22.85 -29.75
N THR A 430 -13.46 -22.96 -28.43
CA THR A 430 -13.60 -21.79 -27.57
C THR A 430 -12.52 -20.76 -27.86
N LYS A 431 -11.28 -21.21 -28.05
CA LYS A 431 -10.20 -20.29 -28.41
C LYS A 431 -10.48 -19.61 -29.74
N SER A 432 -10.96 -20.37 -30.72
CA SER A 432 -11.28 -19.78 -32.02
C SER A 432 -12.39 -18.74 -31.88
N LEU A 433 -13.42 -19.05 -31.09
CA LEU A 433 -14.52 -18.11 -30.90
C LEU A 433 -14.02 -16.81 -30.26
N VAL A 434 -13.23 -16.93 -29.19
CA VAL A 434 -12.76 -15.75 -28.48
C VAL A 434 -11.86 -14.90 -29.39
N THR A 435 -10.92 -15.54 -30.08
CA THR A 435 -10.01 -14.80 -30.94
C THR A 435 -10.75 -14.15 -32.10
N GLN A 436 -11.71 -14.86 -32.70
CA GLN A 436 -12.47 -14.30 -33.80
C GLN A 436 -13.28 -13.10 -33.35
N TYR A 437 -13.94 -13.20 -32.19
CA TYR A 437 -14.73 -12.07 -31.70
C TYR A 437 -13.84 -10.87 -31.42
N LEU A 438 -12.69 -11.10 -30.75
CA LEU A 438 -11.81 -9.99 -30.42
C LEU A 438 -11.24 -9.34 -31.68
N ASN A 439 -10.88 -10.14 -32.68
CA ASN A 439 -10.38 -9.60 -33.94
C ASN A 439 -11.45 -8.80 -34.66
N ALA A 440 -12.69 -9.32 -34.69
CA ALA A 440 -13.76 -8.64 -35.42
C ALA A 440 -14.16 -7.34 -34.75
N THR A 441 -14.16 -7.31 -33.41
CA THR A 441 -14.57 -6.10 -32.71
C THR A 441 -13.46 -5.05 -32.63
N GLY A 442 -12.25 -5.37 -33.08
CA GLY A 442 -11.16 -4.41 -33.03
C GLY A 442 -10.52 -4.26 -31.68
N ASN A 443 -10.53 -5.31 -30.86
CA ASN A 443 -9.94 -5.29 -29.53
C ASN A 443 -10.52 -4.16 -28.67
N ARG A 444 -11.84 -3.97 -28.79
CA ARG A 444 -12.54 -2.95 -28.04
C ARG A 444 -13.04 -3.56 -26.73
N TRP A 445 -13.69 -2.77 -25.88
CA TRP A 445 -14.19 -3.25 -24.60
C TRP A 445 -15.52 -3.96 -24.81
N CYS A 446 -15.68 -5.13 -24.20
CA CYS A 446 -16.86 -5.96 -24.38
C CYS A 446 -17.29 -6.55 -23.05
N SER A 447 -18.36 -7.33 -23.08
CA SER A 447 -18.91 -8.00 -21.92
C SER A 447 -18.85 -9.51 -22.13
N TRP A 448 -18.31 -10.22 -21.16
CA TRP A 448 -18.12 -11.67 -21.25
C TRP A 448 -19.12 -12.37 -20.33
N SER A 449 -20.01 -13.16 -20.93
CA SER A 449 -20.98 -13.95 -20.19
C SER A 449 -21.45 -15.09 -21.08
N LEU A 450 -22.10 -16.07 -20.45
CA LEU A 450 -22.63 -17.20 -21.19
C LEU A 450 -24.05 -16.96 -21.70
N SER A 451 -24.80 -16.07 -21.06
CA SER A 451 -26.17 -15.78 -21.47
C SER A 451 -26.55 -14.41 -20.95
N GLN A 452 -27.77 -13.98 -21.29
CA GLN A 452 -28.26 -12.69 -20.84
C GLN A 452 -29.03 -12.76 -19.53
N ALA A 453 -29.70 -13.89 -19.25
CA ALA A 453 -30.45 -14.03 -18.02
C ALA A 453 -30.35 -15.42 -17.40
N ARG A 454 -29.51 -16.29 -17.93
CA ARG A 454 -29.43 -17.68 -17.47
C ARG A 454 -28.14 -17.91 -16.68
N LEU A 455 -28.19 -18.92 -15.81
CA LEU A 455 -27.05 -19.29 -14.99
C LEU A 455 -26.05 -20.10 -15.80
N LEU A 456 -24.85 -20.27 -15.24
CA LEU A 456 -23.81 -21.04 -15.91
C LEU A 456 -24.17 -22.51 -16.02
N THR A 457 -24.87 -23.05 -15.02
CA THR A 457 -25.17 -24.48 -15.01
C THR A 457 -26.13 -24.87 -16.12
N SER A 458 -26.91 -23.91 -16.62
CA SER A 458 -27.86 -24.22 -17.69
C SER A 458 -27.18 -24.60 -19.00
N PHE A 459 -25.88 -24.30 -19.13
CA PHE A 459 -25.13 -24.63 -20.34
C PHE A 459 -23.90 -25.49 -20.08
N LEU A 460 -23.53 -25.73 -18.83
CA LEU A 460 -22.30 -26.43 -18.51
C LEU A 460 -22.57 -27.58 -17.56
N PRO A 461 -21.76 -28.64 -17.62
CA PRO A 461 -21.83 -29.67 -16.59
C PRO A 461 -21.17 -29.20 -15.30
N ALA A 462 -21.42 -29.94 -14.23
CA ALA A 462 -20.90 -29.58 -12.92
C ALA A 462 -19.37 -29.67 -12.85
N GLN A 463 -18.74 -30.36 -13.80
CA GLN A 463 -17.30 -30.56 -13.79
C GLN A 463 -16.54 -29.43 -14.48
N LEU A 464 -17.23 -28.47 -15.10
CA LEU A 464 -16.59 -27.39 -15.82
C LEU A 464 -16.86 -26.00 -15.25
N LEU A 465 -17.58 -25.90 -14.13
CA LEU A 465 -17.96 -24.60 -13.60
C LEU A 465 -16.74 -23.80 -13.16
N ARG A 466 -15.76 -24.44 -12.52
CA ARG A 466 -14.58 -23.73 -12.04
C ARG A 466 -13.73 -23.23 -13.21
N LEU A 467 -13.65 -24.03 -14.27
CA LEU A 467 -12.85 -23.63 -15.44
C LEU A 467 -13.40 -22.37 -16.07
N TYR A 468 -14.72 -22.30 -16.24
CA TYR A 468 -15.32 -21.12 -16.88
C TYR A 468 -15.26 -19.90 -15.97
N GLN A 469 -15.34 -20.10 -14.65
CA GLN A 469 -15.16 -18.97 -13.75
C GLN A 469 -13.73 -18.45 -13.78
N LEU A 470 -12.75 -19.34 -13.91
CA LEU A 470 -11.37 -18.88 -14.10
C LEU A 470 -11.21 -18.17 -15.44
N MET A 471 -11.90 -18.63 -16.47
CA MET A 471 -11.80 -18.00 -17.79
C MET A 471 -12.41 -16.60 -17.79
N LEU A 472 -13.62 -16.45 -17.25
CA LEU A 472 -14.35 -15.20 -17.38
C LEU A 472 -13.76 -14.07 -16.53
N PHE A 473 -12.96 -14.40 -15.53
CA PHE A 473 -12.35 -13.39 -14.68
C PHE A 473 -11.00 -12.92 -15.20
N THR A 474 -10.55 -13.42 -16.34
CA THR A 474 -9.27 -13.03 -16.92
C THR A 474 -9.37 -12.51 -18.35
N LEU A 475 -10.52 -12.65 -19.01
CA LEU A 475 -10.66 -12.17 -20.37
C LEU A 475 -10.78 -10.65 -20.39
N PRO A 476 -10.42 -10.00 -21.50
CA PRO A 476 -10.43 -8.53 -21.57
C PRO A 476 -11.83 -7.92 -21.74
N GLY A 477 -12.52 -7.77 -20.63
CA GLY A 477 -13.85 -7.18 -20.67
C GLY A 477 -14.49 -7.21 -19.30
N THR A 478 -15.78 -6.90 -19.29
CA THR A 478 -16.55 -6.90 -18.05
C THR A 478 -17.23 -8.25 -17.88
N PRO A 479 -16.95 -9.00 -16.82
CA PRO A 479 -17.66 -10.26 -16.59
C PRO A 479 -19.00 -10.02 -15.92
N VAL A 480 -20.05 -10.64 -16.46
CA VAL A 480 -21.40 -10.51 -15.93
C VAL A 480 -21.86 -11.89 -15.46
N PHE A 481 -22.24 -11.98 -14.19
CA PHE A 481 -22.71 -13.22 -13.59
C PHE A 481 -24.10 -13.04 -13.04
N SER A 482 -24.96 -14.04 -13.25
CA SER A 482 -26.26 -14.03 -12.63
C SER A 482 -26.15 -14.40 -11.15
N TYR A 483 -27.21 -14.14 -10.40
CA TYR A 483 -27.20 -14.43 -8.97
C TYR A 483 -27.15 -15.93 -8.75
N GLY A 484 -26.35 -16.34 -7.76
CA GLY A 484 -26.16 -17.73 -7.45
C GLY A 484 -25.10 -18.44 -8.28
N ASP A 485 -24.45 -17.75 -9.21
CA ASP A 485 -23.41 -18.36 -10.01
C ASP A 485 -22.10 -18.53 -9.24
N GLU A 486 -21.96 -17.87 -8.09
CA GLU A 486 -20.75 -18.01 -7.29
C GLU A 486 -20.69 -19.32 -6.52
N ILE A 487 -21.82 -19.99 -6.33
CA ILE A 487 -21.88 -21.28 -5.65
C ILE A 487 -22.50 -22.37 -6.52
N GLY A 488 -22.93 -22.04 -7.74
CA GLY A 488 -23.39 -23.04 -8.68
C GLY A 488 -24.78 -23.59 -8.41
N LEU A 489 -25.79 -22.73 -8.48
CA LEU A 489 -27.16 -23.20 -8.39
C LEU A 489 -27.55 -23.94 -9.67
N ASP A 490 -28.63 -24.73 -9.56
CA ASP A 490 -29.20 -25.42 -10.70
C ASP A 490 -30.66 -25.71 -10.44
N ALA A 491 -31.42 -25.85 -11.52
CA ALA A 491 -32.84 -26.17 -11.43
C ALA A 491 -33.13 -27.65 -11.57
N ALA A 492 -32.11 -28.48 -11.76
CA ALA A 492 -32.28 -29.92 -11.92
C ALA A 492 -32.12 -30.67 -10.60
N ALA A 493 -31.81 -29.97 -9.51
CA ALA A 493 -31.68 -30.60 -8.21
C ALA A 493 -32.90 -30.41 -7.31
N LEU A 494 -33.66 -29.35 -7.50
CA LEU A 494 -34.87 -29.10 -6.71
C LEU A 494 -36.07 -29.09 -7.64
N PRO A 495 -36.88 -30.15 -7.68
CA PRO A 495 -38.00 -30.20 -8.61
C PRO A 495 -39.10 -29.21 -8.22
N GLY A 496 -40.00 -28.97 -9.17
CA GLY A 496 -41.07 -28.02 -8.97
C GLY A 496 -40.63 -26.58 -8.87
N GLN A 497 -39.67 -26.17 -9.70
CA GLN A 497 -39.17 -24.81 -9.71
C GLN A 497 -39.18 -24.26 -11.12
N PRO A 498 -39.37 -22.96 -11.29
CA PRO A 498 -39.27 -22.36 -12.61
C PRO A 498 -37.85 -22.46 -13.15
N MET A 499 -37.75 -22.61 -14.47
CA MET A 499 -36.45 -22.70 -15.12
C MET A 499 -35.71 -21.37 -15.16
N GLU A 500 -36.41 -20.26 -14.90
CA GLU A 500 -35.82 -18.94 -14.99
C GLU A 500 -35.53 -18.31 -13.63
N ALA A 501 -36.23 -18.72 -12.58
CA ALA A 501 -36.11 -18.11 -11.26
C ALA A 501 -35.88 -19.17 -10.20
N PRO A 502 -34.66 -19.71 -10.11
CA PRO A 502 -34.35 -20.64 -9.02
C PRO A 502 -34.25 -19.91 -7.69
N VAL A 503 -34.58 -20.63 -6.62
CA VAL A 503 -34.52 -20.05 -5.28
C VAL A 503 -33.09 -20.13 -4.76
N MET A 504 -32.65 -19.07 -4.09
CA MET A 504 -31.30 -19.00 -3.56
C MET A 504 -31.19 -19.88 -2.32
N LEU A 505 -30.05 -20.57 -2.19
CA LEU A 505 -29.83 -21.50 -1.08
C LEU A 505 -28.96 -20.80 -0.04
N TRP A 506 -29.61 -20.01 0.81
CA TRP A 506 -28.91 -19.33 1.89
C TRP A 506 -28.54 -20.30 3.01
N ASP A 507 -29.49 -21.16 3.40
CA ASP A 507 -29.29 -22.11 4.48
C ASP A 507 -30.02 -23.39 4.14
N GLU A 508 -30.01 -24.35 5.08
CA GLU A 508 -30.72 -25.60 4.90
C GLU A 508 -32.23 -25.43 4.98
N SER A 509 -32.71 -24.29 5.48
CA SER A 509 -34.14 -23.98 5.53
C SER A 509 -34.60 -23.17 4.33
N SER A 510 -33.77 -23.07 3.29
CA SER A 510 -34.11 -22.23 2.15
C SER A 510 -35.35 -22.73 1.42
N PHE A 511 -35.44 -24.05 1.22
CA PHE A 511 -36.54 -24.62 0.46
C PHE A 511 -37.57 -25.21 1.41
N PRO A 512 -38.78 -24.64 1.51
CA PRO A 512 -39.78 -25.24 2.42
C PRO A 512 -40.26 -26.60 1.95
N ASP A 513 -40.52 -26.77 0.65
CA ASP A 513 -40.90 -28.07 0.13
C ASP A 513 -39.74 -29.05 0.27
N ILE A 514 -40.09 -30.33 0.30
CA ILE A 514 -39.18 -31.46 0.54
C ILE A 514 -38.17 -31.06 1.62
N PRO A 515 -38.60 -30.95 2.88
CA PRO A 515 -37.75 -30.34 3.92
C PRO A 515 -36.60 -31.22 4.34
N GLY A 516 -35.49 -31.14 3.62
CA GLY A 516 -34.31 -31.95 3.92
C GLY A 516 -33.53 -32.34 2.69
N ALA A 517 -34.05 -32.03 1.51
CA ALA A 517 -33.33 -32.34 0.27
C ALA A 517 -32.06 -31.51 0.13
N VAL A 518 -32.01 -30.33 0.73
CA VAL A 518 -30.85 -29.46 0.61
C VAL A 518 -29.74 -29.99 1.50
N SER A 519 -28.57 -30.22 0.90
CA SER A 519 -27.41 -30.72 1.63
C SER A 519 -26.67 -29.56 2.29
N ALA A 520 -25.47 -29.82 2.78
CA ALA A 520 -24.69 -28.79 3.47
C ALA A 520 -23.68 -28.11 2.55
N ASN A 521 -23.22 -28.80 1.50
CA ASN A 521 -22.24 -28.22 0.59
C ASN A 521 -22.87 -27.41 -0.53
N MET A 522 -24.19 -27.44 -0.68
CA MET A 522 -24.88 -26.67 -1.70
C MET A 522 -25.36 -25.31 -1.18
N THR A 523 -25.01 -24.96 0.05
CA THR A 523 -25.43 -23.69 0.64
C THR A 523 -24.25 -22.72 0.69
N VAL A 524 -24.58 -21.44 0.82
CA VAL A 524 -23.55 -20.41 0.83
C VAL A 524 -22.72 -20.48 2.10
N LYS A 525 -23.36 -20.77 3.25
CA LYS A 525 -22.63 -20.79 4.50
C LYS A 525 -21.70 -22.00 4.60
N GLY A 526 -22.10 -23.12 4.02
CA GLY A 526 -21.21 -24.29 4.01
C GLY A 526 -19.97 -24.06 3.18
N GLN A 527 -20.13 -23.45 2.00
CA GLN A 527 -18.99 -23.16 1.13
C GLN A 527 -18.15 -21.99 1.62
N SER A 528 -18.73 -21.09 2.43
CA SER A 528 -18.00 -19.93 2.91
C SER A 528 -16.86 -20.30 3.85
N GLU A 529 -16.94 -21.47 4.50
CA GLU A 529 -15.87 -21.92 5.37
C GLU A 529 -14.98 -22.99 4.73
N ASP A 530 -15.44 -23.62 3.67
CA ASP A 530 -14.63 -24.60 2.96
C ASP A 530 -13.63 -23.90 2.06
N PRO A 531 -12.33 -24.10 2.24
CA PRO A 531 -11.33 -23.47 1.37
C PRO A 531 -11.18 -24.11 0.01
N GLY A 532 -12.05 -25.06 -0.35
CA GLY A 532 -11.97 -25.70 -1.65
C GLY A 532 -13.30 -25.75 -2.37
N SER A 533 -14.12 -24.72 -2.18
CA SER A 533 -15.44 -24.64 -2.76
C SER A 533 -15.47 -23.57 -3.84
N LEU A 534 -16.61 -23.47 -4.52
CA LEU A 534 -16.77 -22.49 -5.59
C LEU A 534 -16.75 -21.06 -5.04
N LEU A 535 -17.33 -20.86 -3.84
CA LEU A 535 -17.43 -19.52 -3.30
C LEU A 535 -16.06 -18.92 -3.00
N SER A 536 -15.17 -19.71 -2.41
CA SER A 536 -13.83 -19.22 -2.10
C SER A 536 -13.05 -18.88 -3.36
N LEU A 537 -13.16 -19.75 -4.38
CA LEU A 537 -12.49 -19.49 -5.65
C LEU A 537 -13.05 -18.22 -6.31
N PHE A 538 -14.36 -18.04 -6.26
CA PHE A 538 -14.97 -16.83 -6.81
C PHE A 538 -14.48 -15.59 -6.08
N ARG A 539 -14.41 -15.66 -4.75
CA ARG A 539 -13.93 -14.51 -3.97
C ARG A 539 -12.48 -14.18 -4.32
N ARG A 540 -11.63 -15.20 -4.41
CA ARG A 540 -10.23 -14.97 -4.75
C ARG A 540 -10.10 -14.37 -6.15
N LEU A 541 -10.84 -14.90 -7.11
CA LEU A 541 -10.77 -14.40 -8.47
C LEU A 541 -11.27 -12.96 -8.56
N SER A 542 -12.35 -12.64 -7.86
CA SER A 542 -12.87 -11.28 -7.88
C SER A 542 -11.92 -10.31 -7.19
N ASP A 543 -11.25 -10.75 -6.12
CA ASP A 543 -10.25 -9.91 -5.48
C ASP A 543 -9.07 -9.65 -6.40
N GLN A 544 -8.61 -10.69 -7.11
CA GLN A 544 -7.47 -10.51 -8.00
C GLN A 544 -7.81 -9.65 -9.21
N ARG A 545 -9.02 -9.84 -9.76
CA ARG A 545 -9.39 -9.12 -10.99
C ARG A 545 -9.53 -7.63 -10.74
N SER A 546 -10.09 -7.24 -9.59
CA SER A 546 -10.37 -5.85 -9.29
C SER A 546 -9.18 -5.13 -8.66
N LYS A 547 -8.03 -5.78 -8.53
CA LYS A 547 -6.86 -5.19 -7.91
C LYS A 547 -5.65 -5.17 -8.82
N GLU A 548 -5.45 -6.18 -9.65
CA GLU A 548 -4.29 -6.24 -10.53
C GLU A 548 -4.51 -5.38 -11.77
N ARG A 549 -3.52 -4.55 -12.09
CA ARG A 549 -3.63 -3.65 -13.24
C ARG A 549 -3.60 -4.42 -14.55
N SER A 550 -2.81 -5.49 -14.61
CA SER A 550 -2.76 -6.31 -15.82
C SER A 550 -4.12 -6.93 -16.12
N LEU A 551 -4.81 -7.44 -15.10
CA LEU A 551 -6.16 -7.94 -15.30
C LEU A 551 -7.17 -6.82 -15.49
N LEU A 552 -6.84 -5.61 -15.03
CA LEU A 552 -7.77 -4.49 -15.20
C LEU A 552 -7.82 -4.02 -16.65
N HIS A 553 -6.69 -3.56 -17.18
CA HIS A 553 -6.66 -3.04 -18.54
C HIS A 553 -5.38 -3.47 -19.25
N GLY A 554 -5.01 -4.73 -19.12
CA GLY A 554 -3.82 -5.22 -19.78
C GLY A 554 -4.11 -5.81 -21.14
N ASP A 555 -3.08 -5.81 -21.99
CA ASP A 555 -3.17 -6.41 -23.31
C ASP A 555 -3.25 -7.92 -23.19
N PHE A 556 -3.91 -8.53 -24.17
CA PHE A 556 -4.23 -9.96 -24.18
C PHE A 556 -3.60 -10.60 -25.40
N HIS A 557 -2.97 -11.76 -25.20
CA HIS A 557 -2.38 -12.49 -26.32
C HIS A 557 -2.51 -13.99 -26.07
N ALA A 558 -3.22 -14.68 -26.94
CA ALA A 558 -3.41 -16.13 -26.83
C ALA A 558 -2.49 -16.84 -27.80
N PHE A 559 -1.84 -17.90 -27.34
CA PHE A 559 -0.89 -18.61 -28.18
C PHE A 559 -1.19 -20.11 -28.19
N SER A 560 -0.71 -20.77 -29.24
CA SER A 560 -1.03 -22.16 -29.47
C SER A 560 -0.40 -23.07 -28.42
N ALA A 561 -1.05 -24.21 -28.19
CA ALA A 561 -0.61 -25.19 -27.21
C ALA A 561 -1.02 -26.57 -27.71
N GLY A 562 -1.06 -27.55 -26.81
CA GLY A 562 -1.45 -28.89 -27.15
C GLY A 562 -2.86 -28.97 -27.70
N PRO A 563 -3.23 -30.15 -28.22
CA PRO A 563 -4.54 -30.29 -28.87
C PRO A 563 -5.69 -30.32 -27.88
N GLY A 564 -6.19 -29.15 -27.49
CA GLY A 564 -7.28 -29.08 -26.55
C GLY A 564 -7.02 -28.19 -25.37
N LEU A 565 -6.05 -27.29 -25.50
CA LEU A 565 -5.65 -26.37 -24.45
C LEU A 565 -5.83 -24.93 -24.90
N PHE A 566 -6.34 -24.10 -24.01
CA PHE A 566 -6.51 -22.66 -24.25
C PHE A 566 -5.52 -21.93 -23.35
N SER A 567 -4.53 -21.27 -23.95
CA SER A 567 -3.47 -20.63 -23.19
C SER A 567 -3.27 -19.21 -23.67
N TYR A 568 -3.30 -18.26 -22.73
CA TYR A 568 -3.15 -16.85 -23.08
C TYR A 568 -2.43 -16.12 -21.96
N ILE A 569 -2.05 -14.87 -22.25
CA ILE A 569 -1.23 -14.05 -21.36
C ILE A 569 -1.80 -12.64 -21.34
N ARG A 570 -1.80 -12.03 -20.15
CA ARG A 570 -2.23 -10.66 -19.94
C ARG A 570 -1.06 -9.84 -19.40
N HIS A 571 -0.84 -8.68 -20.01
CA HIS A 571 0.30 -7.83 -19.68
C HIS A 571 -0.01 -6.40 -20.07
N TRP A 572 0.07 -5.46 -19.12
CA TRP A 572 -0.31 -4.08 -19.43
C TRP A 572 0.90 -3.22 -19.82
N ASP A 573 1.75 -2.87 -18.85
CA ASP A 573 2.96 -2.14 -19.19
C ASP A 573 4.22 -2.77 -18.60
N GLN A 574 4.25 -2.86 -17.27
CA GLN A 574 5.40 -3.38 -16.55
C GLN A 574 5.01 -4.19 -15.32
N ASN A 575 3.72 -4.41 -15.08
CA ASN A 575 3.25 -5.03 -13.85
C ASN A 575 3.40 -6.55 -13.96
N GLU A 576 2.89 -7.26 -12.96
CA GLU A 576 2.98 -8.72 -12.92
C GLU A 576 2.20 -9.32 -14.10
N ARG A 577 2.92 -9.90 -15.05
CA ARG A 577 2.27 -10.57 -16.16
C ARG A 577 1.57 -11.83 -15.70
N PHE A 578 0.38 -12.08 -16.25
CA PHE A 578 -0.41 -13.25 -15.88
C PHE A 578 -0.50 -14.20 -17.06
N LEU A 579 -0.52 -15.50 -16.77
CA LEU A 579 -0.55 -16.54 -17.79
C LEU A 579 -1.60 -17.57 -17.38
N VAL A 580 -2.65 -17.70 -18.20
CA VAL A 580 -3.78 -18.58 -17.91
C VAL A 580 -3.73 -19.74 -18.89
N VAL A 581 -3.82 -20.96 -18.34
CA VAL A 581 -3.83 -22.19 -19.14
C VAL A 581 -5.01 -23.04 -18.69
N LEU A 582 -5.88 -23.39 -19.64
CA LEU A 582 -7.08 -24.16 -19.36
C LEU A 582 -7.08 -25.42 -20.21
N ASN A 583 -7.38 -26.56 -19.58
CA ASN A 583 -7.46 -27.84 -20.25
C ASN A 583 -8.93 -28.25 -20.33
N PHE A 584 -9.53 -28.11 -21.51
CA PHE A 584 -10.92 -28.48 -21.72
C PHE A 584 -11.10 -29.95 -22.08
N GLY A 585 -10.00 -30.69 -22.29
CA GLY A 585 -10.13 -32.10 -22.58
C GLY A 585 -10.52 -32.90 -21.36
N ASP A 586 -11.13 -34.05 -21.60
CA ASP A 586 -11.60 -34.92 -20.53
C ASP A 586 -10.54 -35.87 -20.00
N VAL A 587 -9.33 -35.84 -20.57
CA VAL A 587 -8.24 -36.70 -20.13
C VAL A 587 -7.01 -35.84 -19.86
N GLY A 588 -6.11 -36.38 -19.05
CA GLY A 588 -4.88 -35.69 -18.75
C GLY A 588 -4.00 -35.50 -19.98
N LEU A 589 -3.32 -34.37 -20.04
CA LEU A 589 -2.48 -34.05 -21.18
C LEU A 589 -1.45 -33.02 -20.74
N SER A 590 -0.34 -32.96 -21.47
CA SER A 590 0.75 -32.05 -21.14
C SER A 590 0.39 -30.64 -21.61
N ALA A 591 1.37 -29.74 -21.58
CA ALA A 591 1.16 -28.36 -22.01
C ALA A 591 1.69 -28.10 -23.42
N GLY A 592 2.98 -28.34 -23.64
CA GLY A 592 3.60 -28.03 -24.91
C GLY A 592 3.50 -26.57 -25.26
N LEU A 593 3.81 -25.70 -24.30
CA LEU A 593 3.63 -24.25 -24.46
C LEU A 593 4.72 -23.71 -25.38
N GLN A 594 4.52 -23.92 -26.68
CA GLN A 594 5.43 -23.42 -27.72
C GLN A 594 4.77 -22.18 -28.31
N ALA A 595 5.16 -21.01 -27.80
CA ALA A 595 4.62 -19.77 -28.33
C ALA A 595 5.39 -19.31 -29.56
N SER A 596 6.67 -18.97 -29.38
CA SER A 596 7.58 -18.55 -30.45
C SER A 596 7.08 -17.38 -31.27
N ASP A 597 6.00 -16.74 -30.84
CA ASP A 597 5.43 -15.62 -31.60
C ASP A 597 5.04 -14.43 -30.73
N LEU A 598 5.07 -14.54 -29.41
CA LEU A 598 4.72 -13.41 -28.56
C LEU A 598 5.78 -12.32 -28.66
N PRO A 599 5.40 -11.06 -28.47
CA PRO A 599 6.38 -9.98 -28.50
C PRO A 599 7.40 -10.12 -27.38
N ALA A 600 8.61 -9.62 -27.63
CA ALA A 600 9.68 -9.75 -26.65
C ALA A 600 9.39 -8.99 -25.36
N SER A 601 8.44 -8.05 -25.39
CA SER A 601 8.07 -7.32 -24.18
C SER A 601 7.35 -8.21 -23.17
N ALA A 602 6.80 -9.34 -23.59
CA ALA A 602 6.06 -10.22 -22.69
C ALA A 602 6.40 -11.68 -22.92
N SER A 603 7.65 -11.98 -23.28
CA SER A 603 8.06 -13.37 -23.48
C SER A 603 8.03 -14.12 -22.16
N LEU A 604 7.42 -15.30 -22.18
CA LEU A 604 7.28 -16.08 -20.96
C LEU A 604 8.62 -16.65 -20.53
N PRO A 605 8.95 -16.62 -19.24
CA PRO A 605 10.24 -17.15 -18.78
C PRO A 605 10.21 -18.64 -18.57
N ALA A 606 11.31 -19.20 -18.03
CA ALA A 606 11.36 -20.62 -17.75
C ALA A 606 10.59 -20.99 -16.49
N LYS A 607 10.55 -20.11 -15.50
CA LYS A 607 9.89 -20.38 -14.23
C LYS A 607 8.82 -19.32 -13.96
N ALA A 608 7.77 -19.74 -13.26
CA ALA A 608 6.68 -18.84 -12.89
C ALA A 608 6.03 -19.33 -11.61
N ASP A 609 5.32 -18.43 -10.95
CA ASP A 609 4.64 -18.75 -9.69
C ASP A 609 3.32 -19.46 -10.00
N LEU A 610 2.46 -19.60 -8.99
CA LEU A 610 1.18 -20.26 -9.17
C LEU A 610 0.20 -19.65 -8.18
N LEU A 611 -0.75 -18.85 -8.68
CA LEU A 611 -1.74 -18.24 -7.80
C LEU A 611 -2.73 -19.27 -7.28
N LEU A 612 -3.25 -20.12 -8.15
CA LEU A 612 -4.29 -21.06 -7.78
C LEU A 612 -4.45 -22.10 -8.89
N SER A 613 -5.26 -23.12 -8.59
CA SER A 613 -5.63 -24.12 -9.58
C SER A 613 -7.08 -24.51 -9.32
N THR A 614 -7.78 -24.91 -10.38
CA THR A 614 -9.19 -25.27 -10.24
C THR A 614 -9.36 -26.51 -9.37
N GLN A 615 -8.48 -27.51 -9.53
CA GLN A 615 -8.61 -28.72 -8.73
C GLN A 615 -7.61 -28.71 -7.59
N PRO A 616 -8.06 -28.84 -6.34
CA PRO A 616 -7.14 -28.96 -5.22
C PRO A 616 -6.09 -30.04 -5.45
N GLY A 617 -4.92 -29.82 -4.85
CA GLY A 617 -3.81 -30.74 -4.95
C GLY A 617 -2.48 -30.13 -5.38
N ARG A 618 -2.41 -28.82 -5.59
CA ARG A 618 -1.18 -28.14 -6.01
C ARG A 618 -0.84 -27.09 -4.96
N GLU A 619 0.42 -27.08 -4.53
CA GLU A 619 0.87 -26.09 -3.56
C GLU A 619 0.84 -24.70 -4.15
N GLU A 620 0.54 -23.70 -3.33
CA GLU A 620 0.37 -22.32 -3.79
C GLU A 620 1.63 -21.51 -3.50
N GLY A 621 1.94 -20.59 -4.39
CA GLY A 621 3.07 -19.68 -4.20
C GLY A 621 4.42 -20.19 -4.66
N SER A 622 4.63 -21.49 -4.56
CA SER A 622 5.91 -22.09 -4.93
C SER A 622 6.16 -21.94 -6.43
N PRO A 623 7.34 -21.45 -6.83
CA PRO A 623 7.64 -21.36 -8.26
C PRO A 623 7.58 -22.73 -8.93
N LEU A 624 7.05 -22.76 -10.14
CA LEU A 624 6.82 -24.00 -10.87
C LEU A 624 7.35 -23.87 -12.29
N GLU A 625 8.19 -24.82 -12.70
CA GLU A 625 8.74 -24.81 -14.04
C GLU A 625 7.67 -25.16 -15.07
N LEU A 626 7.66 -24.42 -16.18
CA LEU A 626 6.62 -24.57 -17.18
C LEU A 626 7.08 -25.39 -18.37
N GLU A 627 8.02 -26.29 -18.15
CA GLU A 627 8.48 -27.22 -19.18
C GLU A 627 7.84 -28.60 -19.07
N ARG A 628 7.64 -29.09 -17.84
CA ARG A 628 7.04 -30.39 -17.60
C ARG A 628 5.63 -30.27 -17.05
N LEU A 629 4.87 -29.30 -17.56
CA LEU A 629 3.52 -29.05 -17.07
C LEU A 629 2.59 -30.19 -17.42
N LYS A 630 2.10 -30.88 -16.40
CA LYS A 630 1.08 -31.92 -16.53
C LYS A 630 -0.24 -31.37 -16.01
N LEU A 631 -1.30 -31.54 -16.79
CA LEU A 631 -2.62 -31.04 -16.42
C LEU A 631 -3.58 -32.21 -16.22
N GLU A 632 -4.23 -32.23 -15.05
CA GLU A 632 -5.31 -33.17 -14.80
C GLU A 632 -6.51 -32.79 -15.66
N PRO A 633 -7.38 -33.75 -15.96
CA PRO A 633 -8.59 -33.44 -16.76
C PRO A 633 -9.38 -32.30 -16.14
N HIS A 634 -9.74 -31.33 -16.99
CA HIS A 634 -10.53 -30.16 -16.59
C HIS A 634 -9.84 -29.38 -15.47
N GLU A 635 -8.67 -28.83 -15.80
CA GLU A 635 -7.88 -28.07 -14.85
C GLU A 635 -7.43 -26.75 -15.46
N GLY A 636 -7.33 -25.74 -14.60
CA GLY A 636 -6.86 -24.43 -15.02
C GLY A 636 -5.77 -23.92 -14.11
N LEU A 637 -4.88 -23.13 -14.68
CA LEU A 637 -3.73 -22.58 -13.98
C LEU A 637 -3.61 -21.09 -14.27
N LEU A 638 -3.20 -20.34 -13.26
CA LEU A 638 -3.20 -18.87 -13.24
C LEU A 638 -1.80 -18.36 -12.85
N LEU A 639 -0.78 -18.82 -13.56
CA LEU A 639 0.59 -18.50 -13.19
C LEU A 639 0.84 -16.99 -13.35
N ARG A 640 1.86 -16.51 -12.64
CA ARG A 640 2.29 -15.12 -12.74
C ARG A 640 3.80 -15.06 -12.92
N PHE A 641 4.27 -13.97 -13.51
CA PHE A 641 5.71 -13.74 -13.58
C PHE A 641 5.99 -12.26 -13.76
N PRO A 642 7.05 -11.73 -13.17
CA PRO A 642 7.30 -10.28 -13.24
C PRO A 642 7.83 -9.86 -14.60
N TYR A 643 7.87 -8.55 -14.80
CA TYR A 643 8.37 -7.97 -16.04
C TYR A 643 9.89 -7.92 -16.02
N ALA A 644 10.51 -8.43 -17.09
CA ALA A 644 11.95 -8.42 -17.22
C ALA A 644 12.30 -8.15 -18.68
N ALA A 645 12.85 -6.97 -18.95
CA ALA A 645 13.20 -6.59 -20.31
C ALA A 645 14.40 -7.40 -20.81
N VAL B 64 40.48 24.03 22.54
CA VAL B 64 39.59 23.75 21.42
C VAL B 64 38.52 22.72 21.81
N THR B 65 37.26 23.15 21.78
CA THR B 65 36.13 22.29 22.11
C THR B 65 35.03 22.53 21.07
N LEU B 66 33.86 21.95 21.32
CA LEU B 66 32.70 22.16 20.47
C LEU B 66 31.86 23.29 21.07
N GLN B 67 31.68 24.35 20.30
CA GLN B 67 31.02 25.54 20.80
C GLN B 67 29.54 25.28 21.05
N ARG B 68 28.98 26.00 22.03
CA ARG B 68 27.56 25.91 22.38
C ARG B 68 26.81 26.92 21.53
N ASN B 69 26.27 26.45 20.40
CA ASN B 69 25.57 27.33 19.46
C ASN B 69 24.28 26.67 18.97
N ILE B 70 23.52 26.07 19.88
CA ILE B 70 22.21 25.52 19.58
C ILE B 70 21.20 26.16 20.53
N THR B 71 20.27 26.92 19.96
CA THR B 71 19.28 27.63 20.76
C THR B 71 18.01 26.79 20.89
N LEU B 72 17.00 27.37 21.55
CA LEU B 72 15.74 26.67 21.74
C LEU B 72 15.05 26.40 20.40
N LEU B 73 15.05 27.39 19.50
CA LEU B 73 14.42 27.22 18.20
C LEU B 73 15.12 26.11 17.41
N ASN B 74 16.44 26.04 17.49
CA ASN B 74 17.17 24.99 16.78
C ASN B 74 16.82 23.60 17.33
N GLY B 75 16.69 23.48 18.65
CA GLY B 75 16.28 22.20 19.22
C GLY B 75 14.87 21.81 18.81
N VAL B 76 13.94 22.77 18.82
CA VAL B 76 12.59 22.49 18.37
C VAL B 76 12.60 22.04 16.92
N ALA B 77 13.39 22.72 16.08
CA ALA B 77 13.48 22.35 14.67
C ALA B 77 14.05 20.95 14.51
N ILE B 78 15.08 20.61 15.29
CA ILE B 78 15.68 19.28 15.21
C ILE B 78 14.64 18.21 15.54
N ILE B 79 13.93 18.40 16.66
CA ILE B 79 12.95 17.39 17.08
C ILE B 79 11.83 17.26 16.05
N VAL B 80 11.33 18.41 15.56
CA VAL B 80 10.21 18.37 14.61
C VAL B 80 10.64 17.71 13.31
N GLY B 81 11.82 18.08 12.80
CA GLY B 81 12.29 17.50 11.56
C GLY B 81 12.58 16.01 11.67
N THR B 82 13.08 15.57 12.83
CA THR B 82 13.35 14.15 13.01
C THR B 82 12.05 13.36 13.11
N ILE B 83 11.08 13.86 13.89
CA ILE B 83 9.83 13.12 14.09
C ILE B 83 9.04 13.08 12.79
N ILE B 84 8.88 14.22 12.13
CA ILE B 84 8.06 14.32 10.92
C ILE B 84 8.97 13.95 9.75
N GLY B 85 8.92 12.67 9.37
CA GLY B 85 9.69 12.20 8.23
C GLY B 85 8.80 11.72 7.09
N SER B 86 8.71 10.41 6.92
CA SER B 86 7.84 9.81 5.93
C SER B 86 6.77 8.91 6.53
N GLY B 87 6.73 8.78 7.86
CA GLY B 87 5.75 7.90 8.47
C GLY B 87 4.33 8.37 8.28
N ILE B 88 4.09 9.69 8.38
CA ILE B 88 2.74 10.22 8.28
C ILE B 88 2.14 10.04 6.89
N PHE B 89 2.95 9.80 5.87
CA PHE B 89 2.45 9.64 4.51
C PHE B 89 2.27 8.19 4.09
N VAL B 90 2.75 7.23 4.88
CA VAL B 90 2.70 5.82 4.52
C VAL B 90 2.00 4.98 5.58
N THR B 91 2.34 5.20 6.85
CA THR B 91 1.79 4.38 7.93
C THR B 91 0.26 4.35 8.01
N PRO B 92 -0.49 5.44 7.77
CA PRO B 92 -1.95 5.36 7.93
C PRO B 92 -2.61 4.19 7.20
N THR B 93 -2.07 3.79 6.05
CA THR B 93 -2.60 2.61 5.38
C THR B 93 -2.51 1.37 6.28
N GLY B 94 -1.34 1.14 6.87
CA GLY B 94 -1.19 0.00 7.77
C GLY B 94 -2.03 0.12 9.03
N VAL B 95 -2.11 1.33 9.58
CA VAL B 95 -2.92 1.54 10.77
C VAL B 95 -4.38 1.22 10.50
N LEU B 96 -4.91 1.69 9.36
CA LEU B 96 -6.30 1.39 9.03
C LEU B 96 -6.49 -0.08 8.68
N LYS B 97 -5.47 -0.70 8.08
CA LYS B 97 -5.56 -2.13 7.79
C LYS B 97 -5.68 -2.94 9.07
N GLU B 98 -4.88 -2.60 10.08
CA GLU B 98 -4.90 -3.34 11.34
C GLU B 98 -5.97 -2.86 12.30
N ALA B 99 -6.66 -1.76 12.01
CA ALA B 99 -7.71 -1.24 12.86
C ALA B 99 -9.10 -1.36 12.27
N GLY B 100 -9.24 -1.15 10.96
CA GLY B 100 -10.53 -1.27 10.31
C GLY B 100 -11.33 0.02 10.30
N SER B 101 -11.76 0.46 11.48
CA SER B 101 -12.60 1.66 11.54
C SER B 101 -11.74 2.92 11.65
N PRO B 102 -12.16 4.01 10.99
CA PRO B 102 -11.41 5.27 11.12
C PRO B 102 -11.32 5.78 12.55
N GLY B 103 -12.38 5.63 13.34
CA GLY B 103 -12.34 6.08 14.72
C GLY B 103 -11.32 5.33 15.55
N LEU B 104 -11.22 4.01 15.33
CA LEU B 104 -10.20 3.23 16.01
C LEU B 104 -8.80 3.70 15.63
N ALA B 105 -8.58 4.00 14.36
CA ALA B 105 -7.28 4.53 13.94
C ALA B 105 -6.99 5.86 14.63
N LEU B 106 -7.98 6.74 14.71
CA LEU B 106 -7.78 8.03 15.36
C LEU B 106 -7.43 7.86 16.83
N VAL B 107 -8.12 6.97 17.53
CA VAL B 107 -7.83 6.77 18.95
C VAL B 107 -6.46 6.11 19.14
N VAL B 108 -6.06 5.23 18.22
CA VAL B 108 -4.71 4.66 18.28
C VAL B 108 -3.66 5.75 18.12
N TRP B 109 -3.86 6.66 17.16
CA TRP B 109 -2.89 7.74 16.97
C TRP B 109 -2.83 8.64 18.19
N ALA B 110 -3.97 8.95 18.79
CA ALA B 110 -3.97 9.77 20.01
C ALA B 110 -3.25 9.07 21.15
N ALA B 111 -3.49 7.76 21.33
CA ALA B 111 -2.82 7.02 22.39
C ALA B 111 -1.32 6.97 22.17
N CYS B 112 -0.89 6.77 20.92
CA CYS B 112 0.53 6.77 20.62
C CYS B 112 1.15 8.13 20.90
N GLY B 113 0.43 9.21 20.58
CA GLY B 113 0.92 10.53 20.90
C GLY B 113 1.10 10.74 22.39
N VAL B 114 0.13 10.29 23.19
CA VAL B 114 0.24 10.42 24.64
C VAL B 114 1.43 9.61 25.18
N PHE B 115 1.60 8.39 24.67
CA PHE B 115 2.72 7.55 25.08
C PHE B 115 4.05 8.21 24.74
N SER B 116 4.16 8.78 23.54
CA SER B 116 5.38 9.47 23.14
C SER B 116 5.63 10.70 24.00
N ILE B 117 4.58 11.45 24.36
CA ILE B 117 4.76 12.60 25.23
C ILE B 117 5.29 12.17 26.59
N VAL B 118 4.75 11.08 27.13
CA VAL B 118 5.24 10.55 28.41
C VAL B 118 6.72 10.20 28.32
N GLY B 119 7.09 9.46 27.27
CA GLY B 119 8.49 9.09 27.11
C GLY B 119 9.40 10.28 26.92
N ALA B 120 8.93 11.29 26.19
CA ALA B 120 9.72 12.49 25.97
C ALA B 120 9.94 13.25 27.27
N LEU B 121 8.91 13.33 28.12
CA LEU B 121 9.10 13.97 29.43
C LEU B 121 10.12 13.21 30.27
N CYS B 122 10.02 11.88 30.27
CA CYS B 122 10.98 11.08 31.04
C CYS B 122 12.41 11.33 30.56
N TYR B 123 12.62 11.30 29.24
CA TYR B 123 13.96 11.55 28.71
C TYR B 123 14.42 12.98 28.93
N ALA B 124 13.50 13.95 28.92
CA ALA B 124 13.88 15.32 29.22
C ALA B 124 14.43 15.43 30.64
N GLU B 125 13.73 14.83 31.60
CA GLU B 125 14.22 14.88 32.97
C GLU B 125 15.55 14.15 33.09
N LEU B 126 15.67 12.98 32.45
CA LEU B 126 16.90 12.21 32.55
C LEU B 126 18.09 12.96 31.96
N GLY B 127 17.90 13.58 30.79
CA GLY B 127 18.97 14.33 30.15
C GLY B 127 19.29 15.63 30.85
N THR B 128 18.33 16.22 31.57
CA THR B 128 18.67 17.36 32.40
C THR B 128 19.45 16.94 33.64
N THR B 129 19.19 15.74 34.16
CA THR B 129 19.96 15.24 35.30
C THR B 129 21.42 14.98 34.91
N ILE B 130 21.64 14.25 33.83
CA ILE B 130 22.98 13.94 33.33
C ILE B 130 23.17 14.76 32.06
N SER B 131 23.90 15.87 32.19
CA SER B 131 24.06 16.81 31.08
C SER B 131 25.36 16.54 30.33
N LYS B 132 25.36 15.45 29.56
CA LYS B 132 26.47 15.12 28.68
C LYS B 132 25.92 14.51 27.40
N SER B 133 26.65 14.73 26.30
CA SER B 133 26.20 14.33 24.98
C SER B 133 26.21 12.81 24.85
N GLY B 134 25.81 12.32 23.67
CA GLY B 134 25.71 10.89 23.45
C GLY B 134 24.65 10.25 24.32
N GLY B 135 23.48 10.88 24.37
CA GLY B 135 22.42 10.37 25.24
C GLY B 135 21.95 9.00 24.82
N ASP B 136 21.31 8.31 25.79
CA ASP B 136 20.73 6.98 25.66
C ASP B 136 21.89 5.98 25.65
N TYR B 137 23.11 6.48 25.58
CA TYR B 137 24.32 5.68 25.66
C TYR B 137 25.23 6.11 26.80
N ALA B 138 25.32 7.42 27.05
CA ALA B 138 26.08 7.89 28.21
C ALA B 138 25.38 7.53 29.51
N TYR B 139 24.04 7.49 29.51
CA TYR B 139 23.31 7.10 30.71
C TYR B 139 23.61 5.65 31.08
N MET B 140 23.60 4.75 30.09
CA MET B 140 23.94 3.37 30.35
C MET B 140 25.41 3.23 30.76
N LEU B 141 26.29 4.05 30.18
CA LEU B 141 27.69 4.00 30.55
C LEU B 141 27.89 4.42 32.00
N GLU B 142 27.13 5.41 32.46
CA GLU B 142 27.26 5.86 33.84
C GLU B 142 26.60 4.91 34.82
N VAL B 143 25.48 4.29 34.44
CA VAL B 143 24.72 3.46 35.37
C VAL B 143 25.19 2.01 35.30
N TYR B 144 25.08 1.40 34.13
CA TYR B 144 25.31 -0.04 33.99
C TYR B 144 26.77 -0.40 33.75
N GLY B 145 27.64 0.58 33.50
CA GLY B 145 29.05 0.32 33.29
C GLY B 145 29.46 0.46 31.85
N SER B 146 30.62 -0.11 31.53
CA SER B 146 31.23 0.07 30.22
C SER B 146 30.83 -1.00 29.22
N LEU B 147 30.72 -2.26 29.66
CA LEU B 147 30.42 -3.34 28.72
C LEU B 147 29.06 -3.21 28.06
N PRO B 148 27.96 -2.98 28.79
CA PRO B 148 26.67 -2.77 28.09
C PRO B 148 26.68 -1.55 27.18
N ALA B 149 27.38 -0.48 27.59
CA ALA B 149 27.47 0.71 26.76
C ALA B 149 28.16 0.40 25.44
N PHE B 150 29.27 -0.35 25.49
CA PHE B 150 29.95 -0.73 24.25
C PHE B 150 29.10 -1.68 23.43
N LEU B 151 28.36 -2.57 24.08
CA LEU B 151 27.50 -3.49 23.35
C LEU B 151 26.43 -2.74 22.57
N LYS B 152 25.88 -1.68 23.18
CA LYS B 152 24.93 -0.85 22.46
C LYS B 152 25.60 -0.05 21.35
N LEU B 153 26.77 0.53 21.64
CA LEU B 153 27.44 1.40 20.67
C LEU B 153 27.87 0.63 19.43
N TRP B 154 28.36 -0.60 19.60
CA TRP B 154 28.79 -1.41 18.47
C TRP B 154 27.63 -1.66 17.51
N ILE B 155 26.48 -2.06 18.05
CA ILE B 155 25.30 -2.28 17.22
C ILE B 155 24.86 -0.99 16.57
N GLU B 156 24.91 0.12 17.31
CA GLU B 156 24.47 1.40 16.77
C GLU B 156 25.33 1.83 15.59
N LEU B 157 26.65 1.67 15.69
CA LEU B 157 27.53 2.10 14.62
C LEU B 157 27.66 1.07 13.51
N LEU B 158 27.23 -0.17 13.74
CA LEU B 158 27.43 -1.20 12.73
C LEU B 158 26.24 -1.36 11.79
N ILE B 159 25.02 -1.39 12.33
CA ILE B 159 23.84 -1.78 11.56
C ILE B 159 22.77 -0.68 11.58
N ILE B 160 22.45 -0.16 12.76
CA ILE B 160 21.25 0.66 12.93
C ILE B 160 21.37 1.97 12.16
N ARG B 161 22.34 2.79 12.51
CA ARG B 161 22.44 4.14 11.94
C ARG B 161 22.67 4.14 10.44
N PRO B 162 23.64 3.41 9.88
CA PRO B 162 23.81 3.43 8.42
C PRO B 162 22.59 2.93 7.67
N SER B 163 21.95 1.86 8.17
CA SER B 163 20.76 1.34 7.49
C SER B 163 19.63 2.35 7.51
N SER B 164 19.41 2.99 8.66
CA SER B 164 18.34 3.99 8.75
C SER B 164 18.61 5.17 7.81
N GLN B 165 19.85 5.67 7.81
CA GLN B 165 20.17 6.79 6.93
C GLN B 165 20.01 6.43 5.47
N TYR B 166 20.47 5.23 5.08
CA TYR B 166 20.35 4.83 3.69
C TYR B 166 18.90 4.64 3.29
N ILE B 167 18.07 4.10 4.19
CA ILE B 167 16.66 3.92 3.88
C ILE B 167 15.98 5.27 3.69
N VAL B 168 16.28 6.24 4.56
CA VAL B 168 15.69 7.57 4.40
C VAL B 168 16.15 8.21 3.09
N ALA B 169 17.43 8.03 2.74
CA ALA B 169 17.94 8.58 1.49
C ALA B 169 17.26 7.94 0.28
N LEU B 170 17.04 6.62 0.33
CA LEU B 170 16.33 5.95 -0.77
C LEU B 170 14.90 6.46 -0.89
N VAL B 171 14.22 6.67 0.24
CA VAL B 171 12.86 7.21 0.18
C VAL B 171 12.86 8.59 -0.46
N PHE B 172 13.82 9.43 -0.05
CA PHE B 172 13.95 10.75 -0.66
C PHE B 172 14.16 10.65 -2.18
N ALA B 173 15.08 9.78 -2.59
CA ALA B 173 15.39 9.65 -4.01
C ALA B 173 14.17 9.16 -4.81
N THR B 174 13.47 8.16 -4.27
CA THR B 174 12.32 7.61 -5.00
C THR B 174 11.18 8.62 -5.08
N TYR B 175 10.92 9.35 -4.00
CA TYR B 175 9.81 10.30 -4.02
C TYR B 175 10.13 11.56 -4.81
N LEU B 176 11.41 11.93 -4.90
CA LEU B 176 11.78 13.06 -5.74
C LEU B 176 11.53 12.78 -7.21
N LEU B 177 11.84 11.57 -7.66
CA LEU B 177 11.71 11.17 -9.06
C LEU B 177 10.33 10.63 -9.41
N LYS B 178 9.41 10.58 -8.44
CA LYS B 178 8.08 10.04 -8.72
C LYS B 178 7.32 10.78 -9.81
N PRO B 179 7.30 12.12 -9.87
CA PRO B 179 6.58 12.78 -10.97
C PRO B 179 7.07 12.40 -12.35
N LEU B 180 8.37 12.09 -12.50
CA LEU B 180 8.89 11.72 -13.82
C LEU B 180 8.35 10.37 -14.27
N PHE B 181 8.15 9.43 -13.32
CA PHE B 181 7.64 8.10 -13.60
C PHE B 181 6.44 7.85 -12.69
N PRO B 182 5.28 8.44 -13.00
CA PRO B 182 4.14 8.33 -12.08
C PRO B 182 3.66 6.91 -11.87
N THR B 183 3.71 6.06 -12.89
CA THR B 183 3.18 4.70 -12.79
C THR B 183 4.28 3.65 -12.83
N CYS B 184 5.10 3.65 -13.87
CA CYS B 184 6.20 2.70 -13.94
C CYS B 184 7.21 2.98 -12.83
N PRO B 185 7.75 1.95 -12.19
CA PRO B 185 8.62 2.18 -11.03
C PRO B 185 9.90 2.92 -11.41
N VAL B 186 10.39 3.71 -10.47
CA VAL B 186 11.63 4.47 -10.68
C VAL B 186 12.81 3.50 -10.77
N PRO B 187 13.70 3.65 -11.75
CA PRO B 187 14.87 2.77 -11.81
C PRO B 187 15.73 2.90 -10.57
N GLU B 188 16.28 1.76 -10.12
CA GLU B 188 17.08 1.75 -8.91
C GLU B 188 18.48 2.31 -9.14
N GLU B 189 19.03 2.14 -10.35
CA GLU B 189 20.37 2.63 -10.65
C GLU B 189 20.48 4.14 -10.59
N ALA B 190 19.37 4.86 -10.66
CA ALA B 190 19.36 6.30 -10.46
C ALA B 190 18.98 6.70 -9.03
N ALA B 191 18.09 5.94 -8.40
CA ALA B 191 17.74 6.22 -7.01
C ALA B 191 18.94 6.07 -6.10
N LYS B 192 19.75 5.03 -6.33
CA LYS B 192 20.95 4.84 -5.52
C LYS B 192 21.90 6.02 -5.67
N LEU B 193 22.10 6.48 -6.91
CA LEU B 193 22.99 7.61 -7.14
C LEU B 193 22.46 8.88 -6.50
N VAL B 194 21.15 9.12 -6.58
CA VAL B 194 20.57 10.30 -5.95
C VAL B 194 20.74 10.25 -4.44
N ALA B 195 20.50 9.08 -3.84
CA ALA B 195 20.67 8.93 -2.41
C ALA B 195 22.12 9.18 -1.99
N CYS B 196 23.07 8.62 -2.74
CA CYS B 196 24.48 8.84 -2.42
C CYS B 196 24.86 10.31 -2.56
N LEU B 197 24.36 10.99 -3.59
CA LEU B 197 24.62 12.41 -3.76
C LEU B 197 24.07 13.21 -2.58
N CYS B 198 22.86 12.88 -2.13
CA CYS B 198 22.28 13.58 -0.99
C CYS B 198 23.13 13.37 0.26
N VAL B 199 23.55 12.14 0.51
CA VAL B 199 24.35 11.85 1.70
C VAL B 199 25.68 12.62 1.65
N LEU B 200 26.34 12.59 0.50
CA LEU B 200 27.63 13.27 0.37
C LEU B 200 27.48 14.77 0.54
N LEU B 201 26.46 15.37 -0.09
CA LEU B 201 26.26 16.80 0.05
C LEU B 201 25.98 17.20 1.48
N LEU B 202 25.13 16.43 2.17
CA LEU B 202 24.80 16.78 3.55
C LEU B 202 26.01 16.60 4.47
N THR B 203 26.81 15.56 4.26
CA THR B 203 27.98 15.40 5.11
C THR B 203 29.03 16.47 4.83
N ALA B 204 29.16 16.92 3.58
CA ALA B 204 30.06 18.04 3.30
C ALA B 204 29.58 19.32 3.96
N VAL B 205 28.27 19.58 3.91
CA VAL B 205 27.71 20.76 4.56
C VAL B 205 27.95 20.70 6.06
N ASN B 206 27.75 19.54 6.67
CA ASN B 206 27.98 19.39 8.10
C ASN B 206 29.45 19.59 8.45
N CYS B 207 30.35 19.08 7.60
CA CYS B 207 31.78 19.23 7.85
C CYS B 207 32.22 20.69 7.73
N TYR B 208 31.60 21.45 6.82
CA TYR B 208 32.00 22.84 6.63
C TYR B 208 31.76 23.66 7.89
N SER B 209 30.54 23.61 8.42
CA SER B 209 30.20 24.45 9.57
C SER B 209 29.02 23.83 10.30
N VAL B 210 28.78 24.31 11.52
CA VAL B 210 27.67 23.85 12.32
C VAL B 210 26.44 24.74 12.16
N LYS B 211 26.67 26.05 11.99
CA LYS B 211 25.54 26.98 11.82
C LYS B 211 24.78 26.69 10.54
N ALA B 212 25.49 26.33 9.46
CA ALA B 212 24.82 26.02 8.20
C ALA B 212 23.91 24.81 8.35
N ALA B 213 24.36 23.80 9.09
CA ALA B 213 23.52 22.62 9.32
C ALA B 213 22.24 23.00 10.07
N THR B 214 22.36 23.86 11.08
CA THR B 214 21.18 24.29 11.82
C THR B 214 20.23 25.09 10.93
N ARG B 215 20.78 25.96 10.07
CA ARG B 215 19.93 26.71 9.15
C ARG B 215 19.19 25.79 8.19
N VAL B 216 19.89 24.78 7.66
CA VAL B 216 19.25 23.83 6.76
C VAL B 216 18.15 23.06 7.48
N GLN B 217 18.42 22.63 8.71
CA GLN B 217 17.41 21.91 9.47
C GLN B 217 16.19 22.77 9.74
N ASP B 218 16.40 24.04 10.10
CA ASP B 218 15.28 24.95 10.33
C ASP B 218 14.45 25.12 9.07
N ALA B 219 15.12 25.34 7.93
CA ALA B 219 14.40 25.55 6.68
C ALA B 219 13.58 24.33 6.30
N PHE B 220 14.14 23.13 6.45
CA PHE B 220 13.40 21.95 6.03
C PHE B 220 12.30 21.58 7.03
N ALA B 221 12.50 21.85 8.32
CA ALA B 221 11.39 21.69 9.27
C ALA B 221 10.25 22.62 8.93
N ALA B 222 10.56 23.88 8.58
CA ALA B 222 9.52 24.79 8.15
C ALA B 222 8.82 24.28 6.89
N ALA B 223 9.59 23.73 5.95
CA ALA B 223 8.99 23.21 4.72
C ALA B 223 8.02 22.06 4.99
N LYS B 224 8.42 21.11 5.84
CA LYS B 224 7.54 19.98 6.12
C LYS B 224 6.31 20.42 6.92
N LEU B 225 6.47 21.37 7.84
CA LEU B 225 5.32 21.93 8.54
C LEU B 225 4.37 22.62 7.56
N LEU B 226 4.91 23.33 6.58
CA LEU B 226 4.07 23.98 5.58
C LEU B 226 3.32 22.96 4.74
N ALA B 227 3.97 21.85 4.38
CA ALA B 227 3.28 20.81 3.62
C ALA B 227 2.13 20.21 4.43
N LEU B 228 2.38 19.93 5.72
CA LEU B 228 1.31 19.39 6.55
C LEU B 228 0.18 20.40 6.70
N ALA B 229 0.51 21.69 6.82
CA ALA B 229 -0.53 22.72 6.89
C ALA B 229 -1.34 22.77 5.60
N LEU B 230 -0.68 22.61 4.45
CA LEU B 230 -1.41 22.57 3.19
C LEU B 230 -2.39 21.40 3.17
N ILE B 231 -1.95 20.23 3.65
CA ILE B 231 -2.86 19.08 3.73
C ILE B 231 -4.05 19.40 4.64
N ILE B 232 -3.78 20.07 5.77
CA ILE B 232 -4.86 20.40 6.71
C ILE B 232 -5.87 21.33 6.06
N LEU B 233 -5.39 22.37 5.37
CA LEU B 233 -6.31 23.30 4.70
C LEU B 233 -7.11 22.60 3.61
N LEU B 234 -6.47 21.72 2.84
CA LEU B 234 -7.20 20.98 1.81
C LEU B 234 -8.32 20.14 2.44
N GLY B 235 -8.00 19.45 3.54
CA GLY B 235 -9.02 18.65 4.21
C GLY B 235 -10.16 19.49 4.74
N PHE B 236 -9.84 20.66 5.32
CA PHE B 236 -10.89 21.53 5.83
C PHE B 236 -11.77 22.07 4.72
N VAL B 237 -11.17 22.44 3.59
CA VAL B 237 -11.96 22.89 2.45
C VAL B 237 -12.88 21.78 1.96
N GLN B 238 -12.37 20.55 1.91
CA GLN B 238 -13.21 19.43 1.49
C GLN B 238 -14.37 19.22 2.45
N ILE B 239 -14.10 19.23 3.75
CA ILE B 239 -15.14 18.90 4.72
C ILE B 239 -16.18 20.01 4.82
N GLY B 240 -15.76 21.27 4.65
CA GLY B 240 -16.70 22.36 4.83
C GLY B 240 -17.59 22.68 3.66
N LYS B 241 -17.45 21.99 2.54
CA LYS B 241 -18.25 22.27 1.35
C LYS B 241 -19.53 21.45 1.27
N GLY B 242 -19.74 20.50 2.18
CA GLY B 242 -20.95 19.72 2.16
C GLY B 242 -20.85 18.34 2.80
N ASP B 243 -21.42 17.34 2.13
CA ASP B 243 -21.49 16.00 2.71
C ASP B 243 -20.12 15.34 2.72
N VAL B 244 -19.86 14.53 3.76
CA VAL B 244 -18.65 13.74 3.87
C VAL B 244 -18.94 12.25 3.98
N SER B 245 -19.92 11.87 4.81
CA SER B 245 -20.36 10.48 4.98
C SER B 245 -19.22 9.56 5.40
N ASN B 246 -18.16 10.11 5.98
CA ASN B 246 -17.02 9.32 6.44
C ASN B 246 -16.65 9.60 7.89
N LEU B 247 -17.34 10.52 8.57
CA LEU B 247 -16.98 10.88 9.92
C LEU B 247 -18.05 10.58 10.97
N ASP B 248 -19.33 10.84 10.70
CA ASP B 248 -20.29 10.47 11.73
C ASP B 248 -20.57 8.97 11.81
N PRO B 249 -20.48 8.15 10.71
CA PRO B 249 -20.54 6.70 10.95
C PRO B 249 -19.15 6.14 11.19
N ASN B 250 -18.38 6.74 12.10
CA ASN B 250 -16.98 6.41 12.23
C ASN B 250 -16.73 5.04 12.85
N PHE B 251 -17.63 4.54 13.67
CA PHE B 251 -17.48 3.23 14.29
C PHE B 251 -18.09 2.11 13.46
N SER B 252 -18.56 2.40 12.26
CA SER B 252 -18.97 1.34 11.34
C SER B 252 -17.77 0.45 11.02
N PHE B 253 -18.01 -0.86 11.03
CA PHE B 253 -16.93 -1.85 10.88
C PHE B 253 -15.85 -1.63 11.94
N GLU B 254 -16.29 -1.46 13.19
CA GLU B 254 -15.35 -1.31 14.30
C GLU B 254 -14.74 -2.66 14.61
N GLY B 255 -13.65 -2.99 13.92
CA GLY B 255 -13.08 -4.31 14.06
C GLY B 255 -12.24 -4.50 15.31
N THR B 256 -12.80 -5.20 16.30
CA THR B 256 -12.03 -5.68 17.44
C THR B 256 -11.55 -7.09 17.19
N LYS B 257 -10.90 -7.29 16.04
CA LYS B 257 -10.49 -8.61 15.60
C LYS B 257 -9.50 -9.21 16.59
N LEU B 258 -9.80 -10.42 17.06
CA LEU B 258 -9.02 -11.10 18.10
C LEU B 258 -8.87 -10.23 19.34
N ASP B 259 -9.73 -9.22 19.49
CA ASP B 259 -9.68 -8.22 20.55
C ASP B 259 -8.25 -7.65 20.60
N VAL B 260 -7.64 -7.55 21.78
CA VAL B 260 -6.30 -6.96 21.90
C VAL B 260 -5.32 -7.64 20.96
N GLY B 261 -5.55 -8.92 20.67
CA GLY B 261 -4.71 -9.69 19.76
C GLY B 261 -4.39 -8.99 18.46
N ASN B 262 -5.21 -8.03 18.05
CA ASN B 262 -4.85 -7.16 16.94
C ASN B 262 -4.68 -5.70 17.34
N ILE B 263 -5.40 -5.24 18.37
CA ILE B 263 -5.40 -3.82 18.71
C ILE B 263 -3.99 -3.34 18.98
N VAL B 264 -3.24 -4.10 19.80
CA VAL B 264 -1.88 -3.71 20.14
C VAL B 264 -1.05 -3.56 18.87
N LEU B 265 -1.23 -4.46 17.90
CA LEU B 265 -0.47 -4.36 16.66
C LEU B 265 -0.74 -3.02 15.99
N ALA B 266 -1.99 -2.57 15.97
CA ALA B 266 -2.31 -1.25 15.45
C ALA B 266 -1.45 -0.20 16.14
N LEU B 267 -1.44 -0.23 17.48
CA LEU B 267 -0.59 0.70 18.23
C LEU B 267 0.85 0.63 17.74
N TYR B 268 1.34 -0.59 17.54
CA TYR B 268 2.72 -0.77 17.07
C TYR B 268 2.97 0.07 15.83
N SER B 269 2.07 0.00 14.85
CA SER B 269 2.26 0.75 13.62
C SER B 269 2.38 2.23 13.90
N GLY B 270 1.47 2.77 14.73
CA GLY B 270 1.52 4.18 15.03
C GLY B 270 2.84 4.62 15.62
N LEU B 271 3.50 3.71 16.35
CA LEU B 271 4.75 4.07 16.99
C LEU B 271 5.80 4.47 15.97
N PHE B 272 5.77 3.88 14.77
CA PHE B 272 6.77 4.25 13.77
C PHE B 272 6.65 5.71 13.37
N ALA B 273 5.44 6.27 13.46
CA ALA B 273 5.26 7.68 13.13
C ALA B 273 5.69 8.60 14.26
N TYR B 274 5.90 8.08 15.46
CA TYR B 274 6.24 8.88 16.63
C TYR B 274 7.64 8.57 17.14
N GLY B 275 8.57 8.28 16.23
CA GLY B 275 9.94 7.94 16.60
C GLY B 275 10.87 9.13 16.41
N GLY B 276 11.86 9.22 17.29
CA GLY B 276 12.88 10.23 17.19
C GLY B 276 12.81 11.37 18.18
N TRP B 277 11.96 11.28 19.21
CA TRP B 277 11.88 12.35 20.19
C TRP B 277 13.09 12.40 21.12
N ASN B 278 13.96 11.39 21.07
CA ASN B 278 15.12 11.33 21.94
C ASN B 278 16.42 11.73 21.24
N TYR B 279 16.33 12.26 20.01
CA TYR B 279 17.54 12.66 19.31
C TYR B 279 18.10 14.01 19.78
N LEU B 280 17.33 14.78 20.54
CA LEU B 280 17.89 16.00 21.12
C LEU B 280 18.92 15.68 22.19
N ASN B 281 18.71 14.63 22.97
CA ASN B 281 19.65 14.25 24.00
C ASN B 281 21.01 13.86 23.43
N PHE B 282 21.06 13.52 22.14
CA PHE B 282 22.35 13.24 21.51
C PHE B 282 23.21 14.49 21.40
N VAL B 283 22.58 15.66 21.26
CA VAL B 283 23.30 16.89 20.98
C VAL B 283 23.27 17.86 22.16
N THR B 284 23.04 17.35 23.37
CA THR B 284 23.17 18.20 24.55
C THR B 284 24.64 18.53 24.78
N GLU B 285 24.89 19.35 25.80
CA GLU B 285 26.18 20.02 26.08
C GLU B 285 26.73 20.72 24.84
N GLU B 286 25.87 20.94 23.84
CA GLU B 286 26.15 21.83 22.74
C GLU B 286 25.08 22.92 22.62
N MET B 287 24.11 22.93 23.53
CA MET B 287 23.04 23.91 23.56
C MET B 287 23.40 25.06 24.50
N ILE B 288 22.72 26.18 24.30
CA ILE B 288 22.87 27.34 25.18
C ILE B 288 21.90 27.19 26.34
N ASN B 289 22.43 27.08 27.56
CA ASN B 289 21.66 26.87 28.77
C ASN B 289 20.80 25.61 28.64
N PRO B 290 21.42 24.42 28.62
CA PRO B 290 20.62 23.19 28.44
C PRO B 290 19.60 22.95 29.53
N TYR B 291 19.89 23.38 30.76
CA TYR B 291 19.01 23.07 31.90
C TYR B 291 17.59 23.59 31.68
N ARG B 292 17.45 24.71 31.00
CA ARG B 292 16.13 25.28 30.72
C ARG B 292 15.63 24.95 29.32
N ASN B 293 16.52 24.92 28.33
CA ASN B 293 16.08 24.72 26.95
C ASN B 293 15.74 23.27 26.65
N LEU B 294 16.41 22.31 27.28
CA LEU B 294 16.16 20.90 26.95
C LEU B 294 14.73 20.46 27.24
N PRO B 295 14.14 20.74 28.41
CA PRO B 295 12.73 20.35 28.60
C PRO B 295 11.76 21.22 27.83
N LEU B 296 12.08 22.51 27.65
CA LEU B 296 11.17 23.42 26.98
C LEU B 296 10.99 23.03 25.51
N ALA B 297 12.07 22.61 24.85
CA ALA B 297 11.96 22.21 23.45
C ALA B 297 11.05 21.00 23.29
N ILE B 298 11.18 20.01 24.17
CA ILE B 298 10.33 18.83 24.11
C ILE B 298 8.88 19.20 24.39
N ILE B 299 8.65 20.04 25.41
CA ILE B 299 7.30 20.45 25.77
C ILE B 299 6.64 21.19 24.61
N ILE B 300 7.40 22.02 23.90
CA ILE B 300 6.86 22.73 22.76
C ILE B 300 6.60 21.78 21.59
N SER B 301 7.49 20.81 21.39
CA SER B 301 7.46 20.01 20.17
C SER B 301 6.39 18.93 20.21
N LEU B 302 6.35 18.13 21.27
CA LEU B 302 5.54 16.91 21.22
C LEU B 302 4.04 17.15 21.03
N PRO B 303 3.37 18.00 21.81
CA PRO B 303 1.93 18.21 21.57
C PRO B 303 1.61 18.76 20.20
N ILE B 304 2.48 19.62 19.65
CA ILE B 304 2.26 20.14 18.30
C ILE B 304 2.27 19.00 17.30
N VAL B 305 3.23 18.09 17.42
CA VAL B 305 3.31 16.95 16.53
C VAL B 305 2.08 16.08 16.66
N THR B 306 1.64 15.82 17.89
CA THR B 306 0.45 14.99 18.10
C THR B 306 -0.78 15.60 17.45
N LEU B 307 -1.00 16.90 17.69
CA LEU B 307 -2.17 17.58 17.13
C LEU B 307 -2.12 17.59 15.61
N VAL B 308 -0.94 17.86 15.04
CA VAL B 308 -0.81 17.89 13.59
C VAL B 308 -1.07 16.52 13.00
N TYR B 309 -0.58 15.45 13.65
CA TYR B 309 -0.82 14.10 13.16
C TYR B 309 -2.31 13.76 13.19
N VAL B 310 -2.99 14.11 14.29
CA VAL B 310 -4.42 13.82 14.39
C VAL B 310 -5.19 14.57 13.29
N LEU B 311 -4.87 15.85 13.11
CA LEU B 311 -5.57 16.63 12.08
C LEU B 311 -5.29 16.10 10.69
N THR B 312 -4.05 15.67 10.43
CA THR B 312 -3.71 15.12 9.13
C THR B 312 -4.47 13.82 8.86
N ASN B 313 -4.59 12.96 9.87
CA ASN B 313 -5.36 11.74 9.70
C ASN B 313 -6.84 12.05 9.44
N LEU B 314 -7.38 13.04 10.16
CA LEU B 314 -8.76 13.44 9.90
C LEU B 314 -8.94 13.94 8.47
N ALA B 315 -8.00 14.75 7.99
CA ALA B 315 -8.07 15.24 6.62
C ALA B 315 -7.97 14.11 5.62
N TYR B 316 -7.11 13.12 5.90
CA TYR B 316 -7.04 11.94 5.04
C TYR B 316 -8.37 11.22 4.98
N PHE B 317 -9.02 11.05 6.14
CA PHE B 317 -10.29 10.34 6.18
C PHE B 317 -11.44 11.12 5.55
N THR B 318 -11.37 12.44 5.50
CA THR B 318 -12.44 13.23 4.90
C THR B 318 -12.47 13.16 3.38
N THR B 319 -11.47 12.56 2.74
CA THR B 319 -11.39 12.54 1.28
C THR B 319 -11.43 11.15 0.69
N LEU B 320 -10.62 10.22 1.19
CA LEU B 320 -10.49 8.89 0.60
C LEU B 320 -11.34 7.89 1.35
N SER B 321 -11.96 6.98 0.60
CA SER B 321 -12.74 5.91 1.19
C SER B 321 -11.83 4.85 1.80
N THR B 322 -12.42 3.99 2.63
CA THR B 322 -11.64 2.97 3.32
C THR B 322 -10.99 2.00 2.34
N GLU B 323 -11.77 1.52 1.37
CA GLU B 323 -11.22 0.56 0.41
C GLU B 323 -10.13 1.19 -0.44
N GLN B 324 -10.26 2.47 -0.77
CA GLN B 324 -9.20 3.17 -1.48
C GLN B 324 -7.95 3.26 -0.62
N MET B 325 -8.11 3.49 0.68
CA MET B 325 -6.96 3.63 1.57
C MET B 325 -6.21 2.31 1.72
N LEU B 326 -6.93 1.22 1.97
CA LEU B 326 -6.27 -0.08 2.11
C LEU B 326 -5.63 -0.56 0.81
N SER B 327 -6.06 -0.04 -0.33
CA SER B 327 -5.48 -0.40 -1.62
C SER B 327 -4.40 0.57 -2.07
N SER B 328 -4.03 1.53 -1.22
CA SER B 328 -3.06 2.56 -1.57
C SER B 328 -1.68 2.22 -0.99
N GLU B 329 -0.65 2.65 -1.70
CA GLU B 329 0.73 2.54 -1.24
C GLU B 329 1.29 3.87 -0.74
N ALA B 330 0.61 4.99 -1.04
CA ALA B 330 1.04 6.30 -0.58
C ALA B 330 -0.21 7.18 -0.50
N VAL B 331 -0.71 7.39 0.72
CA VAL B 331 -1.96 8.12 0.90
C VAL B 331 -1.82 9.56 0.44
N ALA B 332 -0.66 10.17 0.70
CA ALA B 332 -0.47 11.58 0.33
C ALA B 332 -0.54 11.77 -1.18
N VAL B 333 0.02 10.84 -1.95
CA VAL B 333 -0.01 10.96 -3.40
C VAL B 333 -1.45 10.93 -3.92
N ASP B 334 -2.25 10.00 -3.41
CA ASP B 334 -3.65 9.91 -3.83
C ASP B 334 -4.42 11.14 -3.40
N PHE B 335 -4.16 11.64 -2.19
CA PHE B 335 -4.82 12.86 -1.72
C PHE B 335 -4.52 14.04 -2.64
N GLY B 336 -3.25 14.19 -3.01
CA GLY B 336 -2.89 15.27 -3.92
C GLY B 336 -3.47 15.09 -5.30
N ASN B 337 -3.51 13.84 -5.79
CA ASN B 337 -4.10 13.59 -7.10
C ASN B 337 -5.58 13.95 -7.12
N TYR B 338 -6.31 13.60 -6.07
CA TYR B 338 -7.74 13.91 -6.01
C TYR B 338 -7.97 15.41 -5.86
N HIS B 339 -7.26 16.05 -4.93
CA HIS B 339 -7.59 17.43 -4.58
C HIS B 339 -6.97 18.47 -5.51
N LEU B 340 -5.98 18.09 -6.31
CA LEU B 340 -5.32 19.03 -7.20
C LEU B 340 -5.47 18.66 -8.67
N GLY B 341 -5.23 17.40 -9.02
CA GLY B 341 -5.34 16.98 -10.40
C GLY B 341 -4.18 17.51 -11.24
N VAL B 342 -4.17 18.81 -11.46
CA VAL B 342 -3.05 19.51 -12.07
C VAL B 342 -2.19 20.06 -10.95
N MET B 343 -0.87 20.07 -11.15
CA MET B 343 0.09 20.41 -10.11
C MET B 343 -0.02 19.44 -8.92
N SER B 344 -0.40 18.19 -9.20
CA SER B 344 -0.45 17.17 -8.18
C SER B 344 0.93 16.64 -7.80
N TRP B 345 1.97 17.03 -8.54
CA TRP B 345 3.35 16.68 -8.19
C TRP B 345 3.84 17.44 -6.96
N ILE B 346 3.08 18.42 -6.48
CA ILE B 346 3.49 19.18 -5.31
C ILE B 346 3.60 18.27 -4.09
N ILE B 347 2.62 17.40 -3.89
CA ILE B 347 2.59 16.56 -2.70
C ILE B 347 3.78 15.61 -2.62
N PRO B 348 4.11 14.83 -3.66
CA PRO B 348 5.27 13.94 -3.54
C PRO B 348 6.58 14.69 -3.34
N VAL B 349 6.79 15.80 -4.06
CA VAL B 349 8.06 16.51 -3.99
C VAL B 349 8.34 16.95 -2.56
N PHE B 350 7.36 17.60 -1.92
CA PHE B 350 7.52 17.98 -0.51
C PHE B 350 7.91 16.79 0.34
N VAL B 351 7.27 15.63 0.11
CA VAL B 351 7.60 14.43 0.87
C VAL B 351 9.09 14.15 0.76
N GLY B 352 9.61 14.14 -0.47
CA GLY B 352 11.03 13.95 -0.65
C GLY B 352 11.83 14.98 0.12
N LEU B 353 11.44 16.25 0.00
CA LEU B 353 12.12 17.30 0.75
C LEU B 353 12.15 16.98 2.23
N SER B 354 11.02 16.52 2.77
CA SER B 354 10.97 16.15 4.18
C SER B 354 12.07 15.14 4.50
N CYS B 355 12.15 14.08 3.70
CA CYS B 355 13.17 13.05 3.94
C CYS B 355 14.56 13.66 3.91
N PHE B 356 14.78 14.61 2.99
CA PHE B 356 16.07 15.29 2.93
C PHE B 356 16.44 15.85 4.29
N GLY B 357 15.54 16.63 4.88
CA GLY B 357 15.81 17.17 6.20
C GLY B 357 16.13 16.09 7.21
N SER B 358 15.35 15.01 7.18
CA SER B 358 15.57 13.92 8.12
C SER B 358 17.01 13.43 8.04
N VAL B 359 17.54 13.29 6.83
CA VAL B 359 18.91 12.79 6.67
C VAL B 359 19.86 13.67 7.47
N ASN B 360 19.75 14.99 7.30
CA ASN B 360 20.59 15.90 8.06
C ASN B 360 20.41 15.65 9.55
N GLY B 361 19.16 15.63 10.01
CA GLY B 361 18.89 15.44 11.42
C GLY B 361 19.45 14.14 11.95
N SER B 362 19.68 13.16 11.08
CA SER B 362 20.36 11.95 11.52
C SER B 362 21.86 12.18 11.60
N LEU B 363 22.47 12.60 10.49
CA LEU B 363 23.92 12.57 10.36
C LEU B 363 24.58 13.34 11.49
N PHE B 364 24.16 14.59 11.68
CA PHE B 364 24.61 15.42 12.79
C PHE B 364 24.65 14.61 14.08
N THR B 365 23.48 14.15 14.52
CA THR B 365 23.41 13.44 15.80
C THR B 365 24.33 12.24 15.78
N SER B 366 24.31 11.46 14.70
CA SER B 366 25.15 10.27 14.62
C SER B 366 26.59 10.63 14.88
N SER B 367 27.08 11.67 14.20
CA SER B 367 28.48 12.07 14.38
C SER B 367 28.77 12.32 15.84
N ARG B 368 27.91 13.10 16.50
CA ARG B 368 28.16 13.44 17.89
C ARG B 368 28.23 12.18 18.74
N LEU B 369 27.35 11.21 18.47
CA LEU B 369 27.39 9.96 19.22
C LEU B 369 28.77 9.34 19.12
N PHE B 370 29.28 9.18 17.89
CA PHE B 370 30.59 8.57 17.74
C PHE B 370 31.66 9.41 18.40
N PHE B 371 31.50 10.74 18.38
CA PHE B 371 32.42 11.61 19.11
C PHE B 371 32.52 11.16 20.56
N VAL B 372 31.36 11.04 21.22
CA VAL B 372 31.37 10.59 22.61
C VAL B 372 31.96 9.20 22.71
N GLY B 373 31.66 8.35 21.73
CA GLY B 373 32.19 6.99 21.73
C GLY B 373 33.70 6.93 21.72
N SER B 374 34.36 8.00 21.27
CA SER B 374 35.81 8.01 21.27
C SER B 374 36.39 8.67 22.52
N ARG B 375 35.60 9.43 23.26
CA ARG B 375 36.12 10.07 24.47
C ARG B 375 36.28 9.09 25.61
N GLU B 376 35.47 8.04 25.64
CA GLU B 376 35.53 7.04 26.70
C GLU B 376 36.49 5.90 26.39
N GLY B 377 37.17 5.94 25.25
CA GLY B 377 38.10 4.90 24.89
C GLY B 377 37.49 3.69 24.22
N HIS B 378 36.20 3.73 23.91
CA HIS B 378 35.55 2.60 23.25
C HIS B 378 35.78 2.57 21.74
N LEU B 379 36.35 3.63 21.18
CA LEU B 379 36.57 3.75 19.75
C LEU B 379 37.98 4.29 19.53
N PRO B 380 38.54 4.11 18.33
CA PRO B 380 39.89 4.62 18.06
C PRO B 380 39.98 6.13 18.28
N SER B 381 41.16 6.56 18.74
CA SER B 381 41.36 7.95 19.13
C SER B 381 41.30 8.92 17.95
N ILE B 382 41.31 8.43 16.72
CA ILE B 382 41.21 9.34 15.57
C ILE B 382 39.87 10.06 15.57
N LEU B 383 38.81 9.37 15.97
CA LEU B 383 37.54 10.05 16.20
C LEU B 383 37.65 10.94 17.44
N SER B 384 36.69 11.85 17.56
CA SER B 384 36.69 12.85 18.63
C SER B 384 37.92 13.74 18.53
N MET B 385 38.23 14.17 17.31
CA MET B 385 39.28 15.14 17.06
C MET B 385 38.68 16.28 16.25
N ILE B 386 39.03 17.51 16.62
CA ILE B 386 38.34 18.70 16.13
C ILE B 386 39.28 19.48 15.22
N HIS B 387 38.73 19.98 14.12
CA HIS B 387 39.48 20.91 13.28
C HIS B 387 39.67 22.22 14.03
N PRO B 388 40.92 22.71 14.16
CA PRO B 388 41.13 23.93 14.96
C PRO B 388 40.38 25.16 14.44
N GLN B 389 40.17 25.26 13.13
CA GLN B 389 39.49 26.43 12.58
C GLN B 389 37.99 26.22 12.43
N LEU B 390 37.59 25.14 11.76
CA LEU B 390 36.17 24.89 11.52
C LEU B 390 35.43 24.45 12.78
N LEU B 391 36.14 23.90 13.76
CA LEU B 391 35.55 23.47 15.03
C LEU B 391 34.46 22.43 14.83
N THR B 392 34.70 21.49 13.92
CA THR B 392 33.76 20.41 13.64
C THR B 392 34.49 19.07 13.66
N PRO B 393 33.80 18.00 14.06
CA PRO B 393 34.42 16.65 14.05
C PRO B 393 34.44 16.03 12.67
N VAL B 394 35.46 16.39 11.90
CA VAL B 394 35.58 15.91 10.51
C VAL B 394 35.74 14.39 10.44
N PRO B 395 36.64 13.75 11.20
CA PRO B 395 36.78 12.28 11.06
C PRO B 395 35.51 11.53 11.40
N SER B 396 34.76 11.97 12.41
CA SER B 396 33.53 11.28 12.77
C SER B 396 32.50 11.37 11.66
N LEU B 397 32.34 12.55 11.08
CA LEU B 397 31.39 12.72 9.97
C LEU B 397 31.82 11.90 8.76
N VAL B 398 33.12 11.88 8.46
CA VAL B 398 33.62 11.09 7.34
C VAL B 398 33.34 9.61 7.55
N PHE B 399 33.59 9.12 8.77
CA PHE B 399 33.34 7.71 9.06
C PHE B 399 31.85 7.38 8.96
N THR B 400 30.99 8.27 9.47
CA THR B 400 29.56 8.05 9.36
C THR B 400 29.10 8.02 7.91
N CYS B 401 29.61 8.94 7.09
CA CYS B 401 29.24 8.97 5.68
C CYS B 401 29.70 7.70 4.96
N VAL B 402 30.93 7.25 5.25
CA VAL B 402 31.45 6.04 4.62
C VAL B 402 30.60 4.84 5.00
N MET B 403 30.27 4.72 6.29
CA MET B 403 29.45 3.58 6.74
C MET B 403 28.07 3.62 6.11
N THR B 404 27.48 4.81 5.99
CA THR B 404 26.17 4.93 5.36
C THR B 404 26.23 4.54 3.88
N LEU B 405 27.24 5.00 3.17
CA LEU B 405 27.37 4.69 1.75
C LEU B 405 27.71 3.23 1.51
N LEU B 406 28.34 2.57 2.48
CA LEU B 406 28.72 1.16 2.31
C LEU B 406 27.50 0.25 2.18
N TYR B 407 26.32 0.71 2.56
CA TYR B 407 25.11 -0.10 2.51
C TYR B 407 24.40 -0.02 1.17
N ALA B 408 24.94 0.71 0.20
CA ALA B 408 24.33 0.76 -1.13
C ALA B 408 24.43 -0.56 -1.88
N PHE B 409 25.28 -1.47 -1.44
CA PHE B 409 25.45 -2.77 -2.09
C PHE B 409 24.53 -3.84 -1.52
N SER B 410 23.77 -3.53 -0.49
CA SER B 410 22.87 -4.50 0.14
C SER B 410 21.53 -4.49 -0.59
N LYS B 411 21.15 -5.63 -1.15
CA LYS B 411 19.89 -5.76 -1.88
C LYS B 411 18.72 -6.10 -0.98
N ASP B 412 18.95 -6.32 0.32
CA ASP B 412 17.91 -6.63 1.29
C ASP B 412 17.98 -5.65 2.45
N ILE B 413 18.08 -4.36 2.12
CA ILE B 413 18.22 -3.33 3.15
C ILE B 413 16.95 -3.22 3.99
N PHE B 414 15.79 -3.55 3.42
CA PHE B 414 14.53 -3.43 4.13
C PHE B 414 14.26 -4.58 5.10
N SER B 415 15.28 -5.38 5.42
CA SER B 415 15.13 -6.49 6.35
C SER B 415 15.83 -6.27 7.69
N VAL B 416 16.92 -5.50 7.71
CA VAL B 416 17.62 -5.26 8.97
C VAL B 416 16.74 -4.51 9.95
N ILE B 417 15.79 -3.72 9.45
CA ILE B 417 14.83 -3.06 10.34
C ILE B 417 13.96 -4.10 11.03
N ASN B 418 13.54 -5.14 10.32
CA ASN B 418 12.79 -6.23 10.94
C ASN B 418 13.68 -7.02 11.89
N PHE B 419 14.96 -7.16 11.57
CA PHE B 419 15.88 -7.88 12.45
C PHE B 419 16.00 -7.17 13.80
N PHE B 420 16.09 -5.85 13.80
CA PHE B 420 16.23 -5.06 15.02
C PHE B 420 15.02 -4.15 15.15
N SER B 421 13.96 -4.66 15.77
CA SER B 421 12.79 -3.86 16.10
C SER B 421 12.54 -3.76 17.60
N PHE B 422 13.10 -4.67 18.40
CA PHE B 422 13.01 -4.62 19.85
C PHE B 422 14.13 -3.84 20.50
N PHE B 423 15.15 -3.44 19.74
CA PHE B 423 16.36 -2.88 20.35
C PHE B 423 16.14 -1.49 20.93
N ASN B 424 15.24 -0.70 20.36
CA ASN B 424 15.01 0.65 20.87
C ASN B 424 14.26 0.61 22.19
N TRP B 425 13.22 -0.22 22.28
CA TRP B 425 12.42 -0.30 23.50
C TRP B 425 13.24 -0.85 24.66
N LEU B 426 14.07 -1.85 24.40
CA LEU B 426 14.94 -2.39 25.45
C LEU B 426 15.89 -1.33 25.97
N CYS B 427 16.50 -0.56 25.07
CA CYS B 427 17.42 0.49 25.48
C CYS B 427 16.71 1.57 26.28
N VAL B 428 15.51 1.97 25.85
CA VAL B 428 14.77 2.99 26.57
C VAL B 428 14.39 2.50 27.97
N ALA B 429 13.91 1.26 28.07
CA ALA B 429 13.55 0.71 29.37
C ALA B 429 14.77 0.61 30.28
N LEU B 430 15.92 0.19 29.74
CA LEU B 430 17.12 0.12 30.53
C LEU B 430 17.55 1.50 31.02
N ALA B 431 17.44 2.51 30.15
CA ALA B 431 17.82 3.86 30.52
C ALA B 431 16.92 4.39 31.63
N ILE B 432 15.61 4.13 31.56
CA ILE B 432 14.71 4.65 32.59
C ILE B 432 14.87 3.87 33.90
N ILE B 433 15.15 2.57 33.82
CA ILE B 433 15.47 1.81 35.02
C ILE B 433 16.73 2.36 35.67
N GLY B 434 17.74 2.69 34.87
CA GLY B 434 18.92 3.35 35.40
C GLY B 434 18.61 4.70 35.99
N MET B 435 17.68 5.44 35.38
CA MET B 435 17.20 6.70 35.96
C MET B 435 16.68 6.49 37.38
N ILE B 436 15.78 5.51 37.55
CA ILE B 436 15.19 5.27 38.86
C ILE B 436 16.26 4.81 39.86
N TRP B 437 17.15 3.92 39.42
CA TRP B 437 18.19 3.40 40.30
C TRP B 437 19.16 4.51 40.72
N LEU B 438 19.51 5.40 39.79
CA LEU B 438 20.38 6.52 40.11
C LEU B 438 19.72 7.48 41.07
N ARG B 439 18.41 7.71 40.91
CA ARG B 439 17.67 8.53 41.86
C ARG B 439 17.67 7.91 43.24
N HIS B 440 17.55 6.58 43.31
CA HIS B 440 17.52 5.90 44.61
C HIS B 440 18.89 5.91 45.27
N ARG B 441 19.94 5.55 44.54
CA ARG B 441 21.27 5.41 45.16
C ARG B 441 22.09 6.69 45.31
N LYS B 442 21.86 7.66 44.45
CA LYS B 442 22.67 8.89 44.48
C LYS B 442 21.76 10.09 44.60
N PRO B 443 21.20 10.33 45.80
CA PRO B 443 20.31 11.48 46.02
C PRO B 443 21.08 12.76 46.35
N GLU B 444 22.13 13.04 45.59
CA GLU B 444 22.93 14.24 45.77
C GLU B 444 23.14 15.04 44.49
N LEU B 445 22.69 14.56 43.35
CA LEU B 445 22.85 15.28 42.10
C LEU B 445 21.86 16.44 42.03
N GLU B 446 22.07 17.31 41.04
CA GLU B 446 21.22 18.47 40.82
C GLU B 446 20.13 18.11 39.82
N ARG B 447 18.87 18.28 40.23
CA ARG B 447 17.71 17.93 39.41
C ARG B 447 16.77 19.13 39.35
N PRO B 448 17.03 20.06 38.43
CA PRO B 448 16.10 21.20 38.28
C PRO B 448 14.70 20.78 37.90
N ILE B 449 14.55 19.70 37.13
CA ILE B 449 13.26 19.13 36.78
C ILE B 449 13.17 17.75 37.41
N LYS B 450 12.02 17.44 37.99
CA LYS B 450 11.81 16.17 38.70
C LYS B 450 10.37 15.71 38.43
N VAL B 451 10.22 14.79 37.49
CA VAL B 451 8.90 14.25 37.19
C VAL B 451 8.40 13.43 38.37
N ASN B 452 7.10 13.53 38.63
CA ASN B 452 6.51 12.75 39.72
C ASN B 452 6.63 11.26 39.43
N LEU B 453 6.85 10.49 40.49
CA LEU B 453 7.06 9.05 40.36
C LEU B 453 5.78 8.37 39.86
N ALA B 454 5.88 7.07 39.61
CA ALA B 454 4.81 6.21 39.12
C ALA B 454 4.53 6.46 37.64
N LEU B 455 5.14 7.49 37.07
CA LEU B 455 5.14 7.72 35.63
C LEU B 455 6.22 6.88 34.96
N PRO B 456 7.47 6.91 35.42
CA PRO B 456 8.49 6.04 34.81
C PRO B 456 8.18 4.56 34.92
N VAL B 457 7.54 4.12 36.01
CA VAL B 457 7.26 2.69 36.15
C VAL B 457 6.21 2.25 35.13
N PHE B 458 5.20 3.08 34.87
CA PHE B 458 4.23 2.75 33.84
C PHE B 458 4.88 2.77 32.46
N PHE B 459 5.80 3.70 32.21
CA PHE B 459 6.49 3.67 30.92
C PHE B 459 7.35 2.42 30.79
N ILE B 460 7.98 1.98 31.87
CA ILE B 460 8.78 0.75 31.84
C ILE B 460 7.89 -0.45 31.56
N LEU B 461 6.73 -0.51 32.19
CA LEU B 461 5.80 -1.61 31.93
C LEU B 461 5.37 -1.61 30.47
N ALA B 462 5.08 -0.42 29.92
CA ALA B 462 4.70 -0.33 28.51
C ALA B 462 5.83 -0.79 27.60
N CYS B 463 7.07 -0.41 27.93
CA CYS B 463 8.21 -0.85 27.12
C CYS B 463 8.41 -2.36 27.18
N LEU B 464 8.22 -2.95 28.37
CA LEU B 464 8.33 -4.40 28.49
C LEU B 464 7.25 -5.09 27.66
N PHE B 465 6.02 -4.59 27.71
CA PHE B 465 4.97 -5.15 26.87
C PHE B 465 5.30 -4.99 25.40
N LEU B 466 5.91 -3.85 25.03
CA LEU B 466 6.28 -3.60 23.64
C LEU B 466 7.34 -4.59 23.16
N ILE B 467 8.36 -4.85 23.98
CA ILE B 467 9.38 -5.79 23.56
C ILE B 467 8.82 -7.21 23.51
N ALA B 468 7.90 -7.55 24.43
CA ALA B 468 7.23 -8.85 24.34
C ALA B 468 6.45 -8.97 23.04
N VAL B 469 5.74 -7.91 22.64
CA VAL B 469 5.00 -7.92 21.37
C VAL B 469 5.98 -8.06 20.20
N SER B 470 7.11 -7.37 20.27
CA SER B 470 8.10 -7.45 19.19
C SER B 470 8.62 -8.87 19.03
N PHE B 471 8.90 -9.56 20.14
CA PHE B 471 9.27 -10.96 20.06
C PHE B 471 8.14 -11.81 19.50
N TRP B 472 6.90 -11.50 19.90
CA TRP B 472 5.75 -12.29 19.46
C TRP B 472 5.57 -12.20 17.94
N LYS B 473 5.74 -11.02 17.37
CA LYS B 473 5.45 -10.82 15.94
C LYS B 473 6.36 -11.68 15.08
N THR B 474 7.68 -11.60 15.29
CA THR B 474 8.66 -12.29 14.46
C THR B 474 9.80 -12.77 15.33
N PRO B 475 9.80 -14.04 15.71
CA PRO B 475 10.82 -14.54 16.66
C PRO B 475 12.18 -14.85 16.04
N VAL B 476 12.19 -15.33 14.79
CA VAL B 476 13.42 -15.90 14.24
C VAL B 476 14.49 -14.84 14.02
N GLU B 477 14.13 -13.72 13.38
CA GLU B 477 15.15 -12.69 13.21
C GLU B 477 15.38 -11.89 14.49
N CYS B 478 14.47 -11.95 15.45
CA CYS B 478 14.78 -11.43 16.78
C CYS B 478 15.89 -12.25 17.42
N GLY B 479 15.84 -13.58 17.28
CA GLY B 479 16.94 -14.40 17.76
C GLY B 479 18.23 -14.15 16.99
N ILE B 480 18.13 -13.93 15.69
CA ILE B 480 19.30 -13.57 14.90
C ILE B 480 19.89 -12.25 15.39
N GLY B 481 19.02 -11.30 15.76
CA GLY B 481 19.49 -10.05 16.33
C GLY B 481 20.17 -10.23 17.66
N PHE B 482 19.63 -11.13 18.50
CA PHE B 482 20.32 -11.49 19.73
C PHE B 482 21.72 -12.02 19.45
N THR B 483 21.85 -12.90 18.46
CA THR B 483 23.16 -13.44 18.10
C THR B 483 24.10 -12.34 17.62
N ILE B 484 23.59 -11.44 16.79
CA ILE B 484 24.42 -10.34 16.28
C ILE B 484 24.88 -9.44 17.43
N ILE B 485 23.99 -9.16 18.38
CA ILE B 485 24.36 -8.35 19.54
C ILE B 485 25.43 -9.05 20.36
N LEU B 486 25.25 -10.36 20.60
CA LEU B 486 26.24 -11.12 21.35
C LEU B 486 27.57 -11.24 20.62
N SER B 487 27.57 -11.03 19.30
CA SER B 487 28.81 -11.06 18.54
C SER B 487 29.74 -9.89 18.88
N GLY B 488 29.27 -8.90 19.63
CA GLY B 488 30.06 -7.73 19.98
C GLY B 488 30.96 -7.87 21.19
N LEU B 489 31.06 -9.07 21.76
CA LEU B 489 31.91 -9.30 22.91
C LEU B 489 33.39 -9.48 22.53
N PRO B 490 33.73 -10.29 21.51
CA PRO B 490 35.15 -10.43 21.16
C PRO B 490 35.83 -9.13 20.78
N VAL B 491 35.12 -8.23 20.07
CA VAL B 491 35.73 -6.96 19.70
C VAL B 491 36.01 -6.11 20.93
N TYR B 492 35.10 -6.14 21.91
CA TYR B 492 35.33 -5.43 23.16
C TYR B 492 36.54 -6.00 23.89
N PHE B 493 36.62 -7.34 23.98
CA PHE B 493 37.72 -7.95 24.73
C PHE B 493 39.05 -7.82 24.01
N PHE B 494 39.05 -7.60 22.70
CA PHE B 494 40.30 -7.43 21.98
C PHE B 494 40.76 -5.97 21.95
N GLY B 495 39.85 -5.05 21.65
CA GLY B 495 40.22 -3.65 21.50
C GLY B 495 40.30 -2.87 22.79
N VAL B 496 39.28 -2.99 23.63
CA VAL B 496 39.19 -2.18 24.85
C VAL B 496 39.84 -2.87 26.03
N TRP B 497 39.52 -4.16 26.25
CA TRP B 497 40.03 -4.86 27.41
C TRP B 497 41.53 -5.08 27.32
N TRP B 498 42.02 -5.52 26.16
CA TRP B 498 43.43 -5.88 26.00
C TRP B 498 44.26 -4.61 25.93
N LYS B 499 44.93 -4.28 27.03
CA LYS B 499 45.78 -3.10 27.11
C LYS B 499 47.21 -3.38 26.67
N ASN B 500 47.82 -4.44 27.20
CA ASN B 500 49.21 -4.77 26.90
C ASN B 500 49.25 -5.41 25.51
N LYS B 501 49.05 -4.59 24.50
CA LYS B 501 49.08 -5.02 23.12
C LYS B 501 50.52 -5.27 22.66
N PRO B 502 50.70 -6.09 21.64
CA PRO B 502 52.05 -6.24 21.07
C PRO B 502 52.57 -4.94 20.49
N LYS B 503 53.89 -4.77 20.54
CA LYS B 503 54.49 -3.50 20.16
C LYS B 503 54.32 -3.20 18.67
N TRP B 504 54.14 -4.23 17.84
CA TRP B 504 54.03 -4.01 16.40
C TRP B 504 52.65 -3.52 15.99
N LEU B 505 51.67 -3.50 16.90
CA LEU B 505 50.35 -2.97 16.61
C LEU B 505 50.16 -1.53 17.06
N LEU B 506 50.75 -1.17 18.20
CA LEU B 506 50.67 0.21 18.67
C LEU B 506 51.31 1.17 17.69
N GLN B 507 52.47 0.80 17.14
CA GLN B 507 53.14 1.66 16.17
C GLN B 507 52.30 1.83 14.91
N GLY B 508 51.68 0.74 14.44
CA GLY B 508 50.83 0.84 13.26
C GLY B 508 49.63 1.74 13.50
N ILE B 509 48.97 1.58 14.64
CA ILE B 509 47.82 2.43 14.96
C ILE B 509 48.25 3.88 15.08
N PHE B 510 49.40 4.13 15.72
CA PHE B 510 49.90 5.50 15.85
C PHE B 510 50.21 6.11 14.49
N SER B 511 50.84 5.34 13.59
CA SER B 511 51.15 5.86 12.27
C SER B 511 49.88 6.17 11.48
N THR B 512 48.89 5.28 11.57
CA THR B 512 47.62 5.53 10.88
C THR B 512 46.94 6.78 11.41
N THR B 513 46.92 6.94 12.74
CA THR B 513 46.30 8.13 13.33
C THR B 513 47.03 9.40 12.92
N VAL B 514 48.36 9.36 12.90
CA VAL B 514 49.13 10.54 12.51
C VAL B 514 48.88 10.88 11.05
N LEU B 515 48.82 9.87 10.18
CA LEU B 515 48.53 10.12 8.77
C LEU B 515 47.13 10.73 8.60
N CYS B 516 46.15 10.20 9.33
CA CYS B 516 44.80 10.78 9.24
C CYS B 516 44.76 12.21 9.76
N GLN B 517 45.50 12.48 10.84
CA GLN B 517 45.58 13.85 11.36
C GLN B 517 46.18 14.78 10.32
N LYS B 518 47.26 14.37 9.67
CA LYS B 518 47.90 15.23 8.67
C LYS B 518 47.00 15.43 7.46
N LEU B 519 46.25 14.39 7.07
CA LEU B 519 45.34 14.52 5.95
C LEU B 519 44.17 15.47 6.27
N MET B 520 43.61 15.37 7.48
CA MET B 520 42.42 16.14 7.82
C MET B 520 42.71 17.40 8.62
N GLN B 521 43.92 17.55 9.17
CA GLN B 521 44.29 18.70 9.99
C GLN B 521 43.36 18.83 11.20
N VAL B 522 43.36 17.80 12.04
CA VAL B 522 42.52 17.74 13.23
C VAL B 522 43.40 17.55 14.46
N VAL B 523 43.02 18.22 15.55
CA VAL B 523 43.79 18.17 16.79
C VAL B 523 42.94 17.52 17.88
N PRO B 524 43.54 16.90 18.88
CA PRO B 524 42.75 16.31 19.96
C PRO B 524 42.05 17.37 20.79
N GLN B 525 40.91 16.98 21.37
CA GLN B 525 40.14 17.90 22.18
C GLN B 525 40.87 18.19 23.50
N GLU B 526 40.95 19.47 23.86
CA GLU B 526 41.54 19.91 25.11
C GLU B 526 40.54 20.74 25.89
N THR B 527 40.51 20.52 27.21
CA THR B 527 39.59 21.23 28.08
C THR B 527 40.32 22.20 28.99
C1 NAG C . -21.43 -32.82 -1.73
C2 NAG C . -21.78 -33.62 -2.99
C3 NAG C . -20.73 -34.69 -3.28
C4 NAG C . -20.47 -35.54 -2.04
C5 NAG C . -20.37 -34.67 -0.78
C6 NAG C . -19.20 -35.11 0.09
C7 NAG C . -23.87 -34.39 -3.90
C8 NAG C . -23.57 -33.47 -5.06
N2 NAG C . -23.09 -34.24 -2.84
O3 NAG C . -19.52 -34.09 -3.71
O4 NAG C . -21.55 -36.46 -1.89
O5 NAG C . -20.22 -33.31 -1.17
O6 NAG C . -18.18 -35.71 -0.73
O7 NAG C . -24.78 -35.20 -3.94
C1 NAG C . -21.54 -37.27 -3.07
C2 NAG C . -21.15 -38.70 -2.74
C3 NAG C . -21.99 -39.68 -3.56
C4 NAG C . -22.12 -39.23 -5.00
C5 NAG C . -22.52 -37.77 -5.09
C6 NAG C . -23.76 -37.58 -5.97
C7 NAG C . -18.88 -38.50 -2.05
C8 NAG C . -19.19 -38.93 -0.65
N2 NAG C . -19.74 -38.89 -2.97
O3 NAG C . -23.28 -39.80 -2.97
O4 NAG C . -20.86 -39.40 -5.67
O5 NAG C . -22.77 -37.26 -3.78
O6 NAG C . -23.70 -36.30 -6.61
O7 NAG C . -17.91 -37.81 -2.33
C1 NAG D . -26.34 12.24 -30.65
C2 NAG D . -27.35 12.94 -31.54
C3 NAG D . -26.68 13.97 -32.45
C4 NAG D . -25.17 13.71 -32.64
C5 NAG D . -24.43 13.44 -31.33
C6 NAG D . -23.57 14.64 -30.95
C7 NAG D . -27.60 10.98 -33.03
C8 NAG D . -27.63 11.16 -34.51
N2 NAG D . -28.13 11.99 -32.32
O3 NAG D . -26.84 15.27 -31.90
O4 NAG D . -25.03 12.60 -33.54
O5 NAG D . -25.34 13.18 -30.27
O6 NAG D . -24.39 15.81 -30.83
O7 NAG D . -27.16 9.97 -32.51
C1 NAG D . -23.81 11.88 -33.25
C2 NAG D . -24.13 10.42 -32.97
C3 NAG D . -23.94 9.56 -34.21
C4 NAG D . -24.17 10.39 -35.47
C5 NAG D . -23.19 11.55 -35.55
C6 NAG D . -23.78 12.71 -36.36
C7 NAG D . -23.70 9.97 -30.66
C8 NAG D . -24.77 8.96 -30.33
N2 NAG D . -23.26 9.95 -31.91
O3 NAG D . -24.87 8.48 -34.17
O4 NAG D . -24.02 9.55 -36.63
O5 NAG D . -22.80 12.01 -34.25
O6 NAG D . -25.20 12.74 -36.16
O7 NAG D . -23.28 10.76 -29.83
C1 NAG E . -8.21 -10.75 -38.02
C2 NAG E . -8.20 -9.68 -39.09
C3 NAG E . -6.96 -9.86 -39.94
C4 NAG E . -5.71 -9.83 -39.06
C5 NAG E . -5.85 -10.69 -37.79
C6 NAG E . -4.78 -10.31 -36.75
C7 NAG E . -9.63 -10.66 -40.81
C8 NAG E . -9.69 -10.17 -42.23
N2 NAG E . -9.41 -9.72 -39.89
O3 NAG E . -6.88 -8.82 -40.91
O4 NAG E . -4.60 -10.28 -39.86
O5 NAG E . -7.12 -10.50 -37.16
O6 NAG E . -3.64 -9.72 -37.39
O7 NAG E . -9.79 -11.84 -40.53
C1 NAG E . -4.40 -11.71 -39.79
C2 NAG E . -4.28 -12.26 -41.20
C3 NAG E . -2.91 -12.87 -41.41
C4 NAG E . -2.65 -13.93 -40.35
C5 NAG E . -2.97 -13.39 -38.96
C6 NAG E . -1.81 -13.62 -38.02
C7 NAG E . -6.57 -13.11 -41.10
C8 NAG E . -7.05 -13.85 -39.89
N2 NAG E . -5.29 -13.28 -41.43
O3 NAG E . -1.91 -11.85 -41.33
O4 NAG E . -3.45 -15.08 -40.61
O5 NAG E . -3.23 -11.99 -39.04
O6 NAG E . -0.65 -12.96 -38.53
O7 NAG E . -7.31 -12.41 -41.77
C1 NAG F . -34.06 -16.77 -30.10
C2 NAG F . -33.95 -17.11 -31.57
C3 NAG F . -34.73 -18.39 -31.89
C4 NAG F . -36.13 -18.27 -31.34
C5 NAG F . -36.00 -18.09 -29.86
C6 NAG F . -36.60 -19.23 -29.04
C7 NAG F . -33.94 -15.95 -33.63
C8 NAG F . -32.54 -15.44 -33.69
N2 NAG F . -34.44 -16.06 -32.42
O3 NAG F . -34.12 -19.51 -31.26
O4 NAG F . -36.77 -17.14 -31.92
O5 NAG F . -34.60 -17.98 -29.57
O6 NAG F . -36.34 -19.00 -27.65
O7 NAG F . -34.56 -16.27 -34.64
C1 NAG F . -37.33 -17.59 -33.16
C2 NAG F . -38.81 -17.86 -32.95
C3 NAG F . -39.61 -17.12 -34.00
C4 NAG F . -39.09 -17.49 -35.37
C5 NAG F . -37.61 -17.13 -35.45
C6 NAG F . -37.35 -16.11 -36.55
C7 NAG F . -39.71 -19.90 -32.03
C8 NAG F . -39.48 -19.33 -30.67
N2 NAG F . -39.08 -19.28 -33.02
O3 NAG F . -39.48 -15.70 -33.81
O4 NAG F . -39.28 -18.89 -35.59
O5 NAG F . -37.18 -16.64 -34.20
O6 NAG F . -36.02 -15.59 -36.44
O7 NAG F . -40.42 -20.86 -32.24
N TYR G . 9.75 9.56 12.84
CA TYR G . 10.34 8.93 11.70
C TYR G . 9.40 9.16 10.57
O TYR G . 8.24 9.49 10.80
CB TYR G . 10.41 7.46 11.95
CG TYR G . 11.59 7.27 12.85
CD1 TYR G . 12.51 8.27 12.99
CD2 TYR G . 11.74 6.08 13.52
CE1 TYR G . 13.59 8.10 13.81
CE2 TYR G . 12.82 5.91 14.33
CZ TYR G . 13.74 6.92 14.48
OH TYR G . 14.83 6.73 15.31
OXT TYR G . 9.80 8.98 9.40
#